data_6MH4
#
_entry.id   6MH4
#
_cell.length_a   71.368
_cell.length_b   71.368
_cell.length_c   318.815
_cell.angle_alpha   90.000
_cell.angle_beta   90.000
_cell.angle_gamma   120.000
#
_symmetry.space_group_name_H-M   'P 31 1 2'
#
loop_
_entity.id
_entity.type
_entity.pdbx_description
1 polymer '1-deoxy-D-xylulose 5-phosphate reductoisomerase'
2 non-polymer 'SULFATE ION'
3 water water
#
_entity_poly.entity_id   1
_entity_poly.type   'polypeptide(L)'
_entity_poly.pdbx_seq_one_letter_code
;MKNIAILGASGSIGQQAIDVIARHPESFNLISFTVGKNIEFAIEVIEKFKPEIVSVQDEADVERLKPYHSNIVSGRQGLI
DVSTYEKNDLVLNALLGSVGLEPTMKAIEAGKNIALANKETLVVAGKLVMTHAKRYGVDILPVDSEHAAIFQCLNGEDMH
KIKNVTITASGGSFRELTREQLEHVTVGDALNHPNWSMGNKITIDSATMMNKGFEVIEAKWLFDLKIDQIKTILHKESII
HSLVEFVDTSVMAQLGTPDMRMPIQYAFTYPERIEHRAPSLDLVQVAQLHFQEMDLDRYRCLKFAYDALRIGGSMPVVLN
AVNEVAVAKFLNHEITFLEIEHMIEREMSAHEVIPDPSLEEILEIDHYYKTKSYEV
;
_entity_poly.pdbx_strand_id   A,B
#
# COMPACT_ATOMS: atom_id res chain seq x y z
N MET A 1 -14.45 -40.69 15.78
CA MET A 1 -15.72 -40.05 15.48
C MET A 1 -15.71 -38.55 15.83
N LYS A 2 -15.72 -37.67 14.81
CA LYS A 2 -15.50 -36.24 15.05
C LYS A 2 -16.74 -35.42 14.73
N ASN A 3 -16.95 -34.38 15.53
CA ASN A 3 -18.16 -33.57 15.49
C ASN A 3 -17.93 -32.41 14.55
N ILE A 4 -18.77 -32.33 13.51
CA ILE A 4 -18.70 -31.29 12.50
C ILE A 4 -19.78 -30.26 12.76
N ALA A 5 -19.39 -28.98 12.71
CA ALA A 5 -20.33 -27.87 12.66
C ALA A 5 -20.35 -27.37 11.22
N ILE A 6 -21.52 -27.03 10.71
CA ILE A 6 -21.62 -26.46 9.37
C ILE A 6 -22.32 -25.13 9.45
N LEU A 7 -21.58 -24.05 9.20
CA LEU A 7 -22.16 -22.72 9.02
C LEU A 7 -22.59 -22.56 7.57
N GLY A 8 -23.88 -22.32 7.34
CA GLY A 8 -24.41 -22.15 6.00
C GLY A 8 -24.69 -23.47 5.33
N ALA A 9 -25.43 -24.35 6.01
CA ALA A 9 -25.55 -25.73 5.60
C ALA A 9 -26.51 -25.93 4.43
N SER A 10 -27.37 -24.95 4.12
CA SER A 10 -28.32 -25.11 3.02
C SER A 10 -27.75 -24.64 1.67
N GLY A 11 -26.62 -23.94 1.65
CA GLY A 11 -25.99 -23.57 0.40
C GLY A 11 -25.40 -24.79 -0.29
N SER A 12 -24.80 -24.55 -1.45
CA SER A 12 -24.34 -25.64 -2.29
C SER A 12 -23.25 -26.46 -1.61
N ILE A 13 -22.25 -25.80 -1.02
CA ILE A 13 -21.17 -26.54 -0.38
C ILE A 13 -21.66 -27.17 0.91
N GLY A 14 -22.48 -26.44 1.68
CA GLY A 14 -23.02 -27.00 2.90
C GLY A 14 -23.75 -28.32 2.65
N GLN A 15 -24.53 -28.36 1.58
CA GLN A 15 -25.29 -29.57 1.28
C GLN A 15 -24.37 -30.72 0.90
N GLN A 16 -23.32 -30.44 0.11
CA GLN A 16 -22.33 -31.48 -0.20
C GLN A 16 -21.62 -31.95 1.04
N ALA A 17 -21.42 -31.06 2.00
CA ALA A 17 -20.79 -31.47 3.25
C ALA A 17 -21.73 -32.37 4.04
N ILE A 18 -23.02 -32.10 3.97
CA ILE A 18 -23.96 -32.97 4.67
C ILE A 18 -23.99 -34.34 4.02
N ASP A 19 -23.88 -34.38 2.68
CA ASP A 19 -23.82 -35.68 2.00
C ASP A 19 -22.59 -36.46 2.44
N VAL A 20 -21.46 -35.77 2.63
CA VAL A 20 -20.25 -36.45 3.09
C VAL A 20 -20.47 -37.05 4.47
N ILE A 21 -21.13 -36.30 5.36
CA ILE A 21 -21.45 -36.82 6.69
C ILE A 21 -22.37 -38.02 6.59
N ALA A 22 -23.41 -37.91 5.75
CA ALA A 22 -24.36 -39.01 5.60
C ALA A 22 -23.68 -40.25 5.06
N ARG A 23 -22.69 -40.09 4.17
CA ARG A 23 -22.02 -41.23 3.58
C ARG A 23 -21.00 -41.88 4.52
N HIS A 24 -20.69 -41.24 5.67
CA HIS A 24 -19.73 -41.79 6.63
C HIS A 24 -20.23 -41.59 8.06
N PRO A 25 -21.35 -42.21 8.43
CA PRO A 25 -21.82 -42.11 9.83
C PRO A 25 -20.84 -42.70 10.82
N GLU A 26 -19.87 -43.50 10.33
CA GLU A 26 -18.90 -44.13 11.22
C GLU A 26 -17.88 -43.12 11.71
N SER A 27 -17.54 -42.13 10.89
CA SER A 27 -16.46 -41.19 11.18
C SER A 27 -16.94 -39.78 11.52
N PHE A 28 -18.13 -39.38 11.09
CA PHE A 28 -18.54 -37.99 11.23
C PHE A 28 -19.90 -37.89 11.88
N ASN A 29 -20.06 -36.87 12.72
CA ASN A 29 -21.34 -36.55 13.34
C ASN A 29 -21.61 -35.05 13.18
N LEU A 30 -22.80 -34.71 12.67
CA LEU A 30 -23.20 -33.30 12.56
C LEU A 30 -23.72 -32.84 13.90
N ILE A 31 -22.88 -32.10 14.63
CA ILE A 31 -23.22 -31.67 15.98
C ILE A 31 -23.96 -30.35 16.01
N SER A 32 -23.83 -29.52 14.97
CA SER A 32 -24.37 -28.16 15.00
C SER A 32 -24.35 -27.59 13.59
N PHE A 33 -25.35 -26.77 13.29
CA PHE A 33 -25.40 -26.17 11.96
C PHE A 33 -26.23 -24.89 12.00
N THR A 34 -26.14 -24.14 10.90
CA THR A 34 -26.89 -22.92 10.71
C THR A 34 -27.48 -22.93 9.31
N VAL A 35 -28.56 -22.17 9.13
CA VAL A 35 -29.13 -21.90 7.82
C VAL A 35 -29.53 -20.44 7.83
N GLY A 36 -29.78 -19.90 6.64
CA GLY A 36 -30.34 -18.57 6.57
C GLY A 36 -31.84 -18.56 6.79
N LYS A 37 -32.59 -18.81 5.73
CA LYS A 37 -34.04 -18.79 5.81
C LYS A 37 -34.68 -20.10 5.34
N ASN A 38 -33.88 -21.08 4.93
CA ASN A 38 -34.41 -22.35 4.44
C ASN A 38 -34.74 -23.24 5.64
N ILE A 39 -35.92 -22.96 6.24
CA ILE A 39 -36.35 -23.64 7.47
C ILE A 39 -36.71 -25.09 7.18
N GLU A 40 -37.31 -25.34 6.01
CA GLU A 40 -37.65 -26.70 5.62
C GLU A 40 -36.40 -27.58 5.58
N PHE A 41 -35.30 -27.05 5.04
CA PHE A 41 -34.04 -27.79 5.00
C PHE A 41 -33.49 -28.03 6.40
N ALA A 42 -33.53 -27.01 7.26
CA ALA A 42 -33.16 -27.21 8.66
C ALA A 42 -33.99 -28.32 9.30
N ILE A 43 -35.29 -28.37 9.00
CA ILE A 43 -36.15 -29.42 9.56
C ILE A 43 -35.66 -30.81 9.13
N GLU A 44 -35.38 -30.98 7.83
CA GLU A 44 -34.97 -32.32 7.38
C GLU A 44 -33.63 -32.71 7.98
N VAL A 45 -32.72 -31.76 8.12
CA VAL A 45 -31.41 -32.06 8.71
C VAL A 45 -31.56 -32.48 10.16
N ILE A 46 -32.42 -31.76 10.91
CA ILE A 46 -32.61 -32.07 12.33
C ILE A 46 -33.12 -33.49 12.51
N GLU A 47 -34.16 -33.88 11.78
CA GLU A 47 -34.72 -35.22 11.93
C GLU A 47 -33.71 -36.29 11.54
N LYS A 48 -32.88 -36.03 10.52
CA LYS A 48 -31.96 -37.07 10.06
C LYS A 48 -30.72 -37.20 10.95
N PHE A 49 -30.10 -36.09 11.34
CA PHE A 49 -28.79 -36.12 11.98
C PHE A 49 -28.81 -35.74 13.45
N LYS A 50 -29.92 -35.24 13.97
CA LYS A 50 -30.05 -34.86 15.36
C LYS A 50 -28.85 -34.03 15.87
N PRO A 51 -28.64 -32.85 15.29
CA PRO A 51 -27.62 -31.94 15.84
C PRO A 51 -28.02 -31.48 17.22
N GLU A 52 -27.03 -30.94 17.96
CA GLU A 52 -27.29 -30.51 19.32
C GLU A 52 -27.72 -29.04 19.41
N ILE A 53 -27.40 -28.22 18.42
CA ILE A 53 -27.81 -26.82 18.41
C ILE A 53 -27.90 -26.38 16.95
N VAL A 54 -28.86 -25.51 16.65
CA VAL A 54 -29.11 -25.05 15.29
C VAL A 54 -29.42 -23.56 15.33
N SER A 55 -28.88 -22.81 14.36
CA SER A 55 -29.09 -21.37 14.26
C SER A 55 -29.78 -21.03 12.95
N VAL A 56 -30.67 -20.04 13.01
CA VAL A 56 -31.32 -19.44 11.85
C VAL A 56 -31.00 -17.95 11.82
N GLN A 57 -31.31 -17.31 10.70
CA GLN A 57 -31.00 -15.89 10.59
C GLN A 57 -32.02 -15.01 11.33
N ASP A 58 -33.30 -15.37 11.27
CA ASP A 58 -34.37 -14.51 11.81
C ASP A 58 -34.91 -15.08 13.11
N GLU A 59 -34.87 -14.26 14.15
CA GLU A 59 -35.62 -14.51 15.38
C GLU A 59 -37.03 -15.01 15.07
N ALA A 60 -37.69 -14.41 14.06
CA ALA A 60 -39.07 -14.78 13.73
C ALA A 60 -39.22 -16.27 13.42
N ASP A 61 -38.20 -16.90 12.83
CA ASP A 61 -38.29 -18.30 12.41
C ASP A 61 -37.97 -19.30 13.50
N VAL A 62 -37.48 -18.85 14.66
CA VAL A 62 -37.12 -19.77 15.74
C VAL A 62 -38.35 -20.57 16.19
N GLU A 63 -39.52 -19.94 16.21
CA GLU A 63 -40.70 -20.67 16.65
C GLU A 63 -41.03 -21.83 15.72
N ARG A 64 -40.76 -21.69 14.42
CA ARG A 64 -41.02 -22.79 13.49
C ARG A 64 -40.23 -24.05 13.84
N LEU A 65 -39.03 -23.88 14.41
CA LEU A 65 -38.18 -25.02 14.73
C LEU A 65 -38.34 -25.55 16.15
N LYS A 66 -38.89 -24.74 17.06
CA LYS A 66 -39.09 -25.19 18.44
C LYS A 66 -39.76 -26.57 18.55
N PRO A 67 -40.80 -26.91 17.78
CA PRO A 67 -41.38 -28.26 17.92
C PRO A 67 -40.39 -29.38 17.62
N TYR A 68 -39.36 -29.10 16.83
CA TYR A 68 -38.40 -30.11 16.39
C TYR A 68 -37.16 -30.19 17.26
N HIS A 69 -36.83 -29.15 18.04
CA HIS A 69 -35.53 -29.17 18.69
C HIS A 69 -35.57 -28.24 19.91
N SER A 70 -34.80 -28.62 20.96
CA SER A 70 -34.82 -27.92 22.25
C SER A 70 -33.94 -26.68 22.30
N ASN A 71 -32.94 -26.57 21.42
CA ASN A 71 -31.93 -25.50 21.47
C ASN A 71 -31.75 -24.85 20.10
N ILE A 72 -32.57 -23.84 19.83
CA ILE A 72 -32.48 -23.03 18.61
C ILE A 72 -32.02 -21.64 19.00
N VAL A 73 -31.11 -21.08 18.22
CA VAL A 73 -30.64 -19.72 18.38
C VAL A 73 -30.82 -18.99 17.04
N SER A 74 -30.55 -17.69 17.03
CA SER A 74 -30.80 -16.92 15.81
C SER A 74 -29.80 -15.77 15.72
N GLY A 75 -29.73 -15.18 14.53
CA GLY A 75 -29.08 -13.91 14.35
C GLY A 75 -27.56 -14.01 14.42
N ARG A 76 -26.94 -12.83 14.52
CA ARG A 76 -25.48 -12.73 14.50
C ARG A 76 -24.86 -13.48 15.68
N GLN A 77 -25.53 -13.45 16.84
CA GLN A 77 -25.06 -14.18 18.01
C GLN A 77 -25.18 -15.69 17.78
N GLY A 78 -26.27 -16.13 17.15
CA GLY A 78 -26.48 -17.54 16.90
C GLY A 78 -25.38 -18.19 16.05
N LEU A 79 -24.85 -17.45 15.08
CA LEU A 79 -23.69 -17.97 14.35
C LEU A 79 -22.51 -18.24 15.29
N ILE A 80 -22.32 -17.37 16.30
CA ILE A 80 -21.22 -17.56 17.24
C ILE A 80 -21.52 -18.72 18.19
N ASP A 81 -22.75 -18.80 18.70
CA ASP A 81 -23.14 -19.94 19.52
C ASP A 81 -22.83 -21.24 18.80
N VAL A 82 -23.10 -21.30 17.50
CA VAL A 82 -22.85 -22.52 16.74
C VAL A 82 -21.36 -22.67 16.45
N SER A 83 -20.70 -21.61 15.98
CA SER A 83 -19.31 -21.78 15.58
C SER A 83 -18.40 -22.06 16.78
N THR A 84 -18.75 -21.55 17.96
CA THR A 84 -17.96 -21.79 19.17
C THR A 84 -18.53 -22.92 20.03
N TYR A 85 -19.56 -23.62 19.55
CA TYR A 85 -20.16 -24.71 20.33
C TYR A 85 -19.08 -25.68 20.82
N GLU A 86 -19.08 -25.95 22.12
CA GLU A 86 -17.87 -26.52 22.72
C GLU A 86 -17.60 -27.96 22.28
N LYS A 87 -18.61 -28.67 21.76
CA LYS A 87 -18.41 -30.02 21.26
C LYS A 87 -17.90 -30.09 19.82
N ASN A 88 -17.92 -28.98 19.07
CA ASN A 88 -17.37 -28.94 17.72
C ASN A 88 -15.92 -29.44 17.72
N ASP A 89 -15.60 -30.31 16.76
CA ASP A 89 -14.19 -30.62 16.50
C ASP A 89 -13.65 -29.85 15.31
N LEU A 90 -14.51 -29.51 14.35
CA LEU A 90 -14.14 -28.87 13.10
C LEU A 90 -15.33 -28.03 12.67
N VAL A 91 -15.08 -26.78 12.30
CA VAL A 91 -16.11 -25.82 11.91
C VAL A 91 -15.97 -25.56 10.42
N LEU A 92 -16.90 -26.06 9.61
CA LEU A 92 -16.94 -25.74 8.19
C LEU A 92 -17.69 -24.42 8.02
N ASN A 93 -16.98 -23.38 7.59
CA ASN A 93 -17.59 -22.08 7.36
C ASN A 93 -17.90 -21.96 5.88
N ALA A 94 -19.15 -22.23 5.53
CA ALA A 94 -19.59 -22.09 4.15
C ALA A 94 -20.57 -20.95 4.01
N LEU A 95 -20.51 -19.98 4.93
CA LEU A 95 -21.22 -18.73 4.79
C LEU A 95 -20.64 -17.94 3.61
N LEU A 96 -21.51 -17.17 2.96
CA LEU A 96 -21.09 -16.29 1.87
C LEU A 96 -21.13 -14.86 2.35
N GLY A 97 -20.18 -14.07 1.87
CA GLY A 97 -20.12 -12.67 2.23
C GLY A 97 -19.30 -12.44 3.48
N SER A 98 -19.36 -11.19 3.93
CA SER A 98 -18.64 -10.78 5.12
C SER A 98 -19.19 -11.40 6.41
N VAL A 99 -20.35 -12.02 6.36
CA VAL A 99 -21.04 -12.46 7.58
C VAL A 99 -20.26 -13.56 8.28
N GLY A 100 -19.47 -14.31 7.55
CA GLY A 100 -18.75 -15.42 8.13
C GLY A 100 -17.47 -15.03 8.82
N LEU A 101 -17.11 -13.74 8.78
CA LEU A 101 -15.83 -13.27 9.31
C LEU A 101 -15.78 -13.39 10.82
N GLU A 102 -16.68 -12.70 11.51
CA GLU A 102 -16.74 -12.79 12.96
C GLU A 102 -16.87 -14.21 13.49
N PRO A 103 -17.81 -15.04 13.01
CA PRO A 103 -17.89 -16.41 13.56
C PRO A 103 -16.62 -17.22 13.41
N THR A 104 -15.86 -17.04 12.32
CA THR A 104 -14.58 -17.71 12.18
C THR A 104 -13.62 -17.32 13.30
N MET A 105 -13.47 -16.00 13.52
CA MET A 105 -12.55 -15.51 14.56
C MET A 105 -12.92 -16.06 15.93
N LYS A 106 -14.21 -16.05 16.27
CA LYS A 106 -14.61 -16.57 17.57
C LYS A 106 -14.40 -18.09 17.64
N ALA A 107 -14.62 -18.79 16.54
CA ALA A 107 -14.31 -20.22 16.53
C ALA A 107 -12.83 -20.47 16.78
N ILE A 108 -11.96 -19.65 16.18
CA ILE A 108 -10.52 -19.82 16.37
C ILE A 108 -10.18 -19.59 17.84
N GLU A 109 -10.71 -18.51 18.42
CA GLU A 109 -10.47 -18.21 19.84
C GLU A 109 -10.89 -19.37 20.74
N ALA A 110 -11.98 -20.03 20.40
CA ALA A 110 -12.41 -21.21 21.15
C ALA A 110 -11.57 -22.45 20.86
N GLY A 111 -10.55 -22.35 19.98
CA GLY A 111 -9.66 -23.47 19.73
C GLY A 111 -10.14 -24.49 18.70
N LYS A 112 -11.03 -24.11 17.81
CA LYS A 112 -11.55 -25.02 16.79
C LYS A 112 -10.80 -24.86 15.47
N ASN A 113 -10.40 -25.99 14.87
CA ASN A 113 -10.00 -26.02 13.47
C ASN A 113 -11.12 -25.55 12.55
N ILE A 114 -10.75 -24.86 11.47
CA ILE A 114 -11.70 -24.26 10.53
C ILE A 114 -11.49 -24.87 9.15
N ALA A 115 -12.59 -25.24 8.51
CA ALA A 115 -12.59 -25.54 7.09
C ALA A 115 -13.28 -24.37 6.38
N LEU A 116 -12.53 -23.65 5.54
CA LEU A 116 -13.03 -22.48 4.86
C LEU A 116 -13.57 -22.86 3.49
N ALA A 117 -14.87 -22.65 3.28
CA ALA A 117 -15.50 -22.64 1.98
C ALA A 117 -15.81 -21.23 1.52
N ASN A 118 -15.37 -20.25 2.27
CA ASN A 118 -15.75 -18.85 2.11
C ASN A 118 -14.53 -18.14 1.56
N LYS A 119 -14.64 -17.58 0.35
CA LYS A 119 -13.48 -16.98 -0.28
C LYS A 119 -13.18 -15.61 0.29
N GLU A 120 -14.19 -14.88 0.75
CA GLU A 120 -13.98 -13.57 1.34
C GLU A 120 -13.03 -13.64 2.52
N THR A 121 -13.10 -14.72 3.31
CA THR A 121 -12.45 -14.73 4.62
C THR A 121 -10.97 -14.43 4.50
N LEU A 122 -10.28 -15.10 3.58
CA LEU A 122 -8.85 -14.87 3.43
C LEU A 122 -8.53 -13.80 2.41
N VAL A 123 -9.49 -13.39 1.58
CA VAL A 123 -9.22 -12.28 0.67
C VAL A 123 -9.24 -10.95 1.42
N VAL A 124 -10.30 -10.69 2.17
CA VAL A 124 -10.38 -9.40 2.88
C VAL A 124 -9.58 -9.44 4.18
N ALA A 125 -9.49 -10.58 4.85
CA ALA A 125 -8.92 -10.61 6.19
C ALA A 125 -7.88 -11.71 6.34
N GLY A 126 -7.04 -11.90 5.31
CA GLY A 126 -6.07 -12.98 5.33
C GLY A 126 -5.09 -12.89 6.50
N LYS A 127 -4.45 -11.73 6.70
CA LYS A 127 -3.48 -11.65 7.81
C LYS A 127 -4.16 -11.88 9.13
N LEU A 128 -5.23 -11.11 9.36
CA LEU A 128 -5.96 -11.16 10.61
C LEU A 128 -6.29 -12.60 10.98
N VAL A 129 -6.85 -13.35 10.04
CA VAL A 129 -7.31 -14.70 10.36
C VAL A 129 -6.13 -15.64 10.62
N MET A 130 -5.09 -15.58 9.79
CA MET A 130 -3.99 -16.53 9.93
C MET A 130 -3.18 -16.28 11.19
N THR A 131 -2.89 -15.02 11.53
CA THR A 131 -2.19 -14.74 12.78
C THR A 131 -2.99 -15.24 13.96
N HIS A 132 -4.30 -15.04 13.93
CA HIS A 132 -5.17 -15.55 14.96
C HIS A 132 -5.07 -17.07 15.08
N ALA A 133 -5.11 -17.77 13.93
CA ALA A 133 -5.00 -19.22 13.94
C ALA A 133 -3.67 -19.69 14.52
N LYS A 134 -2.58 -18.96 14.23
CA LYS A 134 -1.28 -19.36 14.74
C LYS A 134 -1.19 -19.14 16.24
N ARG A 135 -1.67 -17.99 16.72
CA ARG A 135 -1.71 -17.71 18.15
C ARG A 135 -2.47 -18.78 18.91
N TYR A 136 -3.61 -19.21 18.40
CA TYR A 136 -4.47 -20.16 19.11
C TYR A 136 -4.22 -21.60 18.69
N GLY A 137 -3.22 -21.85 17.83
CA GLY A 137 -2.86 -23.22 17.46
C GLY A 137 -3.93 -24.03 16.76
N VAL A 138 -4.66 -23.45 15.82
CA VAL A 138 -5.65 -24.22 15.07
C VAL A 138 -5.29 -24.20 13.59
N ASP A 139 -5.83 -25.18 12.87
CA ASP A 139 -5.58 -25.37 11.46
C ASP A 139 -6.70 -24.71 10.66
N ILE A 140 -6.30 -24.08 9.56
CA ILE A 140 -7.23 -23.52 8.59
C ILE A 140 -7.10 -24.38 7.34
N LEU A 141 -8.09 -25.21 7.11
CA LEU A 141 -8.05 -26.16 6.02
C LEU A 141 -8.90 -25.67 4.87
N PRO A 142 -8.36 -25.65 3.66
CA PRO A 142 -9.15 -25.23 2.50
C PRO A 142 -10.11 -26.33 2.06
N VAL A 143 -11.24 -25.93 1.48
CA VAL A 143 -12.17 -26.93 0.91
C VAL A 143 -12.43 -26.56 -0.55
N ASP A 144 -11.53 -25.76 -1.10
CA ASP A 144 -11.47 -25.34 -2.48
C ASP A 144 -10.45 -26.21 -3.21
N SER A 145 -10.69 -26.42 -4.51
CA SER A 145 -9.93 -27.42 -5.28
C SER A 145 -8.44 -27.07 -5.37
N GLU A 146 -8.10 -25.83 -5.75
CA GLU A 146 -6.69 -25.46 -5.89
C GLU A 146 -5.97 -25.44 -4.55
N HIS A 147 -6.62 -24.91 -3.52
CA HIS A 147 -5.95 -24.88 -2.22
C HIS A 147 -5.88 -26.27 -1.60
N ALA A 148 -6.93 -27.10 -1.77
CA ALA A 148 -6.78 -28.50 -1.36
C ALA A 148 -5.58 -29.14 -2.04
N ALA A 149 -5.40 -28.84 -3.34
CA ALA A 149 -4.29 -29.42 -4.09
C ALA A 149 -2.97 -28.99 -3.51
N ILE A 150 -2.81 -27.68 -3.26
CA ILE A 150 -1.56 -27.19 -2.66
C ILE A 150 -1.36 -27.83 -1.31
N PHE A 151 -2.44 -27.89 -0.52
CA PHE A 151 -2.37 -28.51 0.80
C PHE A 151 -1.86 -29.95 0.74
N GLN A 152 -2.30 -30.71 -0.27
CA GLN A 152 -1.82 -32.10 -0.37
C GLN A 152 -0.38 -32.18 -0.84
N CYS A 153 0.06 -31.26 -1.68
CA CYS A 153 1.46 -31.25 -2.10
C CYS A 153 2.39 -30.96 -0.93
N LEU A 154 1.93 -30.17 0.06
CA LEU A 154 2.77 -29.78 1.17
C LEU A 154 2.69 -30.73 2.36
N ASN A 155 1.73 -31.65 2.36
CA ASN A 155 1.67 -32.65 3.41
C ASN A 155 2.98 -33.40 3.53
N GLY A 156 3.53 -33.43 4.74
CA GLY A 156 4.79 -34.08 4.98
C GLY A 156 6.01 -33.28 4.57
N GLU A 157 5.83 -32.07 4.06
CA GLU A 157 6.94 -31.25 3.60
C GLU A 157 7.18 -30.08 4.55
N ASP A 158 8.41 -29.60 4.54
CA ASP A 158 8.79 -28.41 5.29
C ASP A 158 8.53 -27.18 4.42
N MET A 159 7.67 -26.27 4.92
CA MET A 159 7.34 -25.03 4.20
C MET A 159 8.58 -24.24 3.82
N HIS A 160 9.62 -24.26 4.66
CA HIS A 160 10.81 -23.50 4.35
C HIS A 160 11.48 -23.98 3.07
N LYS A 161 11.20 -25.21 2.63
CA LYS A 161 11.80 -25.77 1.44
C LYS A 161 11.01 -25.48 0.18
N ILE A 162 9.89 -24.76 0.29
CA ILE A 162 9.13 -24.35 -0.88
C ILE A 162 9.94 -23.36 -1.71
N LYS A 163 10.08 -23.65 -3.00
CA LYS A 163 10.58 -22.63 -3.92
C LYS A 163 9.43 -21.79 -4.49
N ASN A 164 8.43 -22.43 -5.09
CA ASN A 164 7.26 -21.65 -5.47
C ASN A 164 6.08 -22.57 -5.68
N VAL A 165 4.91 -21.95 -5.78
CA VAL A 165 3.63 -22.61 -5.89
C VAL A 165 2.95 -22.07 -7.13
N THR A 166 2.46 -22.95 -7.99
CA THR A 166 1.80 -22.56 -9.22
C THR A 166 0.34 -23.02 -9.20
N ILE A 167 -0.58 -22.09 -9.44
CA ILE A 167 -2.01 -22.39 -9.51
C ILE A 167 -2.41 -22.48 -10.97
N THR A 168 -3.17 -23.49 -11.34
CA THR A 168 -3.54 -23.57 -12.74
C THR A 168 -4.86 -22.83 -12.96
N ALA A 169 -5.08 -22.40 -14.20
CA ALA A 169 -6.33 -21.73 -14.54
C ALA A 169 -6.80 -22.20 -15.91
N SER A 170 -8.12 -22.36 -16.05
CA SER A 170 -8.68 -22.78 -17.33
C SER A 170 -8.52 -21.70 -18.40
N GLY A 171 -8.62 -20.43 -18.03
CA GLY A 171 -8.78 -19.36 -18.99
C GLY A 171 -10.18 -18.80 -19.06
N GLY A 172 -11.17 -19.57 -18.62
CA GLY A 172 -12.51 -19.07 -18.44
C GLY A 172 -13.30 -19.09 -19.73
N SER A 173 -14.54 -18.62 -19.61
CA SER A 173 -15.52 -18.70 -20.70
C SER A 173 -14.99 -18.18 -22.02
N PHE A 174 -14.21 -17.10 -21.98
CA PHE A 174 -13.84 -16.34 -23.17
C PHE A 174 -12.40 -16.61 -23.60
N ARG A 175 -11.79 -17.69 -23.11
CA ARG A 175 -10.38 -17.92 -23.37
C ARG A 175 -10.07 -17.99 -24.86
N GLU A 176 -11.06 -18.40 -25.67
CA GLU A 176 -10.86 -18.55 -27.10
C GLU A 176 -10.92 -17.22 -27.86
N LEU A 177 -11.45 -16.17 -27.24
CA LEU A 177 -11.73 -14.91 -27.93
C LEU A 177 -10.49 -14.03 -28.01
N THR A 178 -10.40 -13.27 -29.09
CA THR A 178 -9.37 -12.25 -29.21
C THR A 178 -9.65 -11.11 -28.23
N ARG A 179 -8.60 -10.35 -27.91
CA ARG A 179 -8.76 -9.23 -27.00
C ARG A 179 -9.77 -8.22 -27.54
N GLU A 180 -9.90 -8.12 -28.87
CA GLU A 180 -10.85 -7.20 -29.48
C GLU A 180 -12.27 -7.78 -29.48
N GLN A 181 -12.39 -9.10 -29.62
CA GLN A 181 -13.70 -9.73 -29.46
C GLN A 181 -14.25 -9.47 -28.06
N LEU A 182 -13.37 -9.35 -27.08
CA LEU A 182 -13.76 -9.05 -25.71
C LEU A 182 -14.37 -7.67 -25.56
N GLU A 183 -14.11 -6.75 -26.50
CA GLU A 183 -14.75 -5.44 -26.43
C GLU A 183 -16.23 -5.51 -26.74
N HIS A 184 -16.71 -6.61 -27.34
CA HIS A 184 -18.11 -6.73 -27.73
C HIS A 184 -18.87 -7.82 -26.99
N VAL A 185 -18.26 -8.52 -26.03
CA VAL A 185 -18.96 -9.63 -25.37
C VAL A 185 -20.07 -9.08 -24.48
N THR A 186 -21.19 -9.81 -24.44
CA THR A 186 -22.36 -9.49 -23.64
C THR A 186 -22.48 -10.51 -22.52
N VAL A 187 -23.24 -10.14 -21.49
CA VAL A 187 -23.50 -11.10 -20.41
C VAL A 187 -24.17 -12.33 -20.97
N GLY A 188 -25.04 -12.14 -21.97
CA GLY A 188 -25.60 -13.27 -22.69
C GLY A 188 -24.55 -14.18 -23.28
N ASP A 189 -23.43 -13.60 -23.74
CA ASP A 189 -22.34 -14.41 -24.26
C ASP A 189 -21.73 -15.29 -23.18
N ALA A 190 -21.81 -14.87 -21.92
CA ALA A 190 -21.32 -15.67 -20.81
C ALA A 190 -22.40 -16.56 -20.19
N LEU A 191 -23.66 -16.12 -20.20
CA LEU A 191 -24.74 -16.86 -19.56
C LEU A 191 -25.99 -16.81 -20.43
N ASN A 192 -26.50 -17.98 -20.84
CA ASN A 192 -27.60 -18.00 -21.81
C ASN A 192 -28.88 -17.40 -21.23
N HIS A 193 -29.34 -17.92 -20.10
CA HIS A 193 -30.30 -17.20 -19.24
C HIS A 193 -29.71 -17.20 -17.87
N PRO A 194 -29.53 -16.02 -17.24
CA PRO A 194 -29.00 -15.98 -15.87
C PRO A 194 -29.77 -16.82 -14.86
N ASN A 195 -31.11 -16.84 -14.92
CA ASN A 195 -31.91 -17.52 -13.91
C ASN A 195 -31.97 -19.03 -14.07
N TRP A 196 -31.39 -19.60 -15.13
CA TRP A 196 -31.41 -21.05 -15.31
C TRP A 196 -30.53 -21.76 -14.28
N SER A 197 -29.33 -21.25 -14.03
CA SER A 197 -28.33 -21.97 -13.27
C SER A 197 -27.81 -21.11 -12.13
N MET A 198 -27.23 -21.79 -11.13
CA MET A 198 -26.52 -21.09 -10.08
C MET A 198 -25.03 -20.98 -10.44
N GLY A 199 -24.35 -20.04 -9.78
CA GLY A 199 -22.96 -19.81 -10.06
C GLY A 199 -22.72 -18.71 -11.07
N ASN A 200 -23.63 -17.73 -11.17
CA ASN A 200 -23.47 -16.72 -12.21
C ASN A 200 -22.30 -15.78 -11.90
N LYS A 201 -22.21 -15.32 -10.64
CA LYS A 201 -21.09 -14.47 -10.24
C LYS A 201 -19.77 -15.19 -10.44
N ILE A 202 -19.74 -16.48 -10.13
CA ILE A 202 -18.53 -17.28 -10.21
C ILE A 202 -18.09 -17.47 -11.66
N THR A 203 -19.04 -17.70 -12.56
CA THR A 203 -18.72 -17.76 -13.99
C THR A 203 -18.08 -16.47 -14.47
N ILE A 204 -18.61 -15.33 -14.05
CA ILE A 204 -18.02 -14.05 -14.44
C ILE A 204 -16.60 -13.95 -13.91
N ASP A 205 -16.40 -14.26 -12.63
CA ASP A 205 -15.06 -14.20 -12.05
C ASP A 205 -14.09 -15.13 -12.77
N SER A 206 -14.57 -16.27 -13.28
CA SER A 206 -13.66 -17.16 -14.02
C SER A 206 -13.34 -16.63 -15.40
N ALA A 207 -14.31 -15.98 -16.04
CA ALA A 207 -14.04 -15.35 -17.33
C ALA A 207 -13.11 -14.14 -17.18
N THR A 208 -13.23 -13.37 -16.10
CA THR A 208 -12.30 -12.27 -15.96
C THR A 208 -10.95 -12.68 -15.35
N MET A 209 -10.85 -13.88 -14.76
CA MET A 209 -9.70 -14.41 -14.01
C MET A 209 -9.62 -13.80 -12.61
N MET A 210 -10.62 -12.99 -12.18
CA MET A 210 -10.68 -12.55 -10.80
C MET A 210 -10.71 -13.74 -9.84
N ASN A 211 -11.41 -14.80 -10.23
CA ASN A 211 -11.43 -16.04 -9.46
C ASN A 211 -10.02 -16.55 -9.12
N LYS A 212 -9.15 -16.66 -10.13
CA LYS A 212 -7.76 -17.03 -9.86
C LYS A 212 -7.04 -15.94 -9.09
N GLY A 213 -7.39 -14.67 -9.32
CA GLY A 213 -6.85 -13.60 -8.49
C GLY A 213 -7.12 -13.81 -7.00
N PHE A 214 -8.38 -14.09 -6.66
CA PHE A 214 -8.73 -14.33 -5.26
C PHE A 214 -7.97 -15.55 -4.69
N GLU A 215 -7.76 -16.58 -5.51
CA GLU A 215 -7.07 -17.77 -5.04
C GLU A 215 -5.58 -17.49 -4.79
N VAL A 216 -4.97 -16.62 -5.59
CA VAL A 216 -3.60 -16.19 -5.33
C VAL A 216 -3.52 -15.49 -3.99
N ILE A 217 -4.48 -14.62 -3.71
CA ILE A 217 -4.48 -13.89 -2.45
C ILE A 217 -4.66 -14.85 -1.27
N GLU A 218 -5.62 -15.78 -1.38
CA GLU A 218 -5.83 -16.74 -0.31
C GLU A 218 -4.61 -17.62 -0.08
N ALA A 219 -4.01 -18.14 -1.17
CA ALA A 219 -2.84 -19.00 -1.04
C ALA A 219 -1.71 -18.27 -0.34
N LYS A 220 -1.56 -16.98 -0.64
CA LYS A 220 -0.47 -16.22 -0.04
C LYS A 220 -0.55 -16.26 1.47
N TRP A 221 -1.77 -16.12 2.02
CA TRP A 221 -1.92 -16.10 3.47
C TRP A 221 -2.03 -17.52 4.03
N LEU A 222 -2.84 -18.36 3.39
CA LEU A 222 -3.03 -19.74 3.85
C LEU A 222 -1.71 -20.47 4.05
N PHE A 223 -0.74 -20.28 3.16
CA PHE A 223 0.51 -21.02 3.20
C PHE A 223 1.70 -20.11 3.51
N ASP A 224 1.45 -18.85 3.91
CA ASP A 224 2.49 -17.91 4.31
C ASP A 224 3.60 -17.80 3.26
N LEU A 225 3.18 -17.48 2.03
CA LEU A 225 4.08 -17.38 0.89
C LEU A 225 4.50 -15.94 0.63
N LYS A 226 5.73 -15.78 0.13
CA LYS A 226 6.12 -14.49 -0.43
C LYS A 226 5.42 -14.29 -1.76
N ILE A 227 5.22 -13.02 -2.15
CA ILE A 227 4.46 -12.75 -3.37
C ILE A 227 5.14 -13.37 -4.59
N ASP A 228 6.49 -13.36 -4.63
CA ASP A 228 7.13 -13.91 -5.82
C ASP A 228 7.21 -15.44 -5.81
N GLN A 229 6.75 -16.10 -4.75
CA GLN A 229 6.59 -17.55 -4.75
C GLN A 229 5.26 -18.04 -5.31
N ILE A 230 4.31 -17.15 -5.65
CA ILE A 230 2.97 -17.60 -6.06
C ILE A 230 2.79 -17.32 -7.54
N LYS A 231 2.72 -18.38 -8.34
CA LYS A 231 2.66 -18.27 -9.79
C LYS A 231 1.32 -18.79 -10.30
N THR A 232 0.99 -18.47 -11.54
CA THR A 232 -0.12 -19.12 -12.23
C THR A 232 0.34 -19.55 -13.62
N ILE A 233 -0.47 -20.42 -14.21
CA ILE A 233 -0.24 -20.90 -15.56
C ILE A 233 -1.60 -21.26 -16.15
N LEU A 234 -1.77 -21.05 -17.45
CA LEU A 234 -3.03 -21.43 -18.08
C LEU A 234 -3.00 -22.93 -18.37
N HIS A 235 -4.05 -23.65 -17.95
CA HIS A 235 -4.08 -25.11 -18.16
C HIS A 235 -5.49 -25.49 -18.59
N LYS A 236 -5.64 -25.77 -19.89
CA LYS A 236 -6.94 -25.86 -20.55
C LYS A 236 -7.84 -26.91 -19.91
N GLU A 237 -7.29 -28.09 -19.61
CA GLU A 237 -8.07 -29.24 -19.15
C GLU A 237 -8.38 -29.20 -17.66
N SER A 238 -7.70 -28.36 -16.88
CA SER A 238 -7.93 -28.30 -15.42
C SER A 238 -7.82 -29.68 -14.76
N ILE A 239 -6.92 -30.53 -15.27
CA ILE A 239 -6.63 -31.82 -14.63
C ILE A 239 -5.61 -31.64 -13.50
N ILE A 240 -4.48 -31.01 -13.80
CA ILE A 240 -3.55 -30.58 -12.74
C ILE A 240 -4.13 -29.35 -12.04
N HIS A 241 -4.33 -29.44 -10.73
CA HIS A 241 -4.97 -28.37 -9.99
C HIS A 241 -3.99 -27.39 -9.37
N SER A 242 -2.78 -27.84 -9.01
CA SER A 242 -1.73 -26.93 -8.58
C SER A 242 -0.41 -27.70 -8.56
N LEU A 243 0.69 -26.97 -8.56
CA LEU A 243 2.00 -27.56 -8.52
C LEU A 243 2.81 -26.85 -7.45
N VAL A 244 3.74 -27.56 -6.82
CA VAL A 244 4.66 -26.94 -5.88
C VAL A 244 6.06 -27.36 -6.27
N GLU A 245 6.93 -26.39 -6.50
CA GLU A 245 8.34 -26.66 -6.75
C GLU A 245 9.07 -26.45 -5.44
N PHE A 246 9.90 -27.41 -5.06
CA PHE A 246 10.72 -27.32 -3.85
C PHE A 246 12.14 -26.90 -4.21
N VAL A 247 12.96 -26.64 -3.18
CA VAL A 247 14.30 -26.10 -3.44
C VAL A 247 15.21 -27.12 -4.09
N ASP A 248 14.86 -28.40 -4.07
CA ASP A 248 15.64 -29.38 -4.82
C ASP A 248 15.26 -29.40 -6.30
N THR A 249 14.37 -28.49 -6.71
CA THR A 249 13.75 -28.37 -8.03
C THR A 249 12.76 -29.49 -8.32
N SER A 250 12.47 -30.37 -7.37
CA SER A 250 11.44 -31.38 -7.60
C SER A 250 10.08 -30.68 -7.60
N VAL A 251 9.11 -31.22 -8.36
CA VAL A 251 7.79 -30.58 -8.47
C VAL A 251 6.70 -31.60 -8.13
N MET A 252 5.91 -31.32 -7.11
CA MET A 252 4.75 -32.14 -6.77
C MET A 252 3.51 -31.50 -7.40
N ALA A 253 2.60 -32.34 -7.87
CA ALA A 253 1.34 -31.86 -8.41
C ALA A 253 0.20 -32.73 -7.89
N GLN A 254 -0.96 -32.11 -7.70
CA GLN A 254 -2.18 -32.84 -7.40
C GLN A 254 -3.07 -32.82 -8.65
N LEU A 255 -3.55 -34.00 -9.09
CA LEU A 255 -4.38 -34.14 -10.29
C LEU A 255 -5.72 -34.75 -9.94
N GLY A 256 -6.73 -34.42 -10.75
CA GLY A 256 -8.04 -35.04 -10.57
C GLY A 256 -9.11 -34.48 -11.48
N THR A 257 -10.23 -35.18 -11.59
CA THR A 257 -11.45 -34.61 -12.18
C THR A 257 -12.11 -33.72 -11.12
N PRO A 258 -13.18 -32.95 -11.48
CA PRO A 258 -13.64 -31.88 -10.58
C PRO A 258 -14.59 -32.20 -9.41
N ASP A 259 -14.71 -33.43 -8.93
CA ASP A 259 -15.63 -33.68 -7.81
C ASP A 259 -15.41 -32.73 -6.62
N MET A 260 -16.32 -31.75 -6.40
CA MET A 260 -16.18 -30.82 -5.29
C MET A 260 -16.29 -31.50 -3.91
N ARG A 261 -16.77 -32.74 -3.84
CA ARG A 261 -16.86 -33.45 -2.56
C ARG A 261 -15.49 -33.91 -2.07
N MET A 262 -14.58 -34.24 -2.97
CA MET A 262 -13.29 -34.77 -2.53
C MET A 262 -12.59 -33.79 -1.59
N PRO A 263 -12.43 -32.50 -1.92
CA PRO A 263 -11.76 -31.60 -0.97
C PRO A 263 -12.54 -31.38 0.32
N ILE A 264 -13.88 -31.41 0.28
CA ILE A 264 -14.66 -31.33 1.51
C ILE A 264 -14.31 -32.50 2.43
N GLN A 265 -14.37 -33.73 1.88
CA GLN A 265 -14.08 -34.90 2.69
C GLN A 265 -12.64 -34.89 3.19
N TYR A 266 -11.70 -34.47 2.34
CA TYR A 266 -10.31 -34.40 2.77
C TYR A 266 -10.17 -33.46 3.96
N ALA A 267 -10.83 -32.30 3.90
CA ALA A 267 -10.78 -31.38 5.03
C ALA A 267 -11.32 -32.04 6.29
N PHE A 268 -12.38 -32.84 6.15
CA PHE A 268 -12.95 -33.51 7.30
C PHE A 268 -12.05 -34.63 7.82
N THR A 269 -11.28 -35.26 6.94
CA THR A 269 -10.48 -36.42 7.37
C THR A 269 -9.03 -36.10 7.65
N TYR A 270 -8.52 -34.96 7.18
CA TYR A 270 -7.11 -34.63 7.33
C TYR A 270 -6.63 -34.90 8.76
N PRO A 271 -5.44 -35.51 8.93
CA PRO A 271 -4.49 -35.94 7.90
C PRO A 271 -4.72 -37.34 7.35
N GLU A 272 -5.78 -38.00 7.81
CA GLU A 272 -6.23 -39.25 7.24
C GLU A 272 -6.82 -39.01 5.85
N ARG A 273 -6.95 -40.11 5.09
CA ARG A 273 -7.79 -40.17 3.92
C ARG A 273 -8.71 -41.38 4.08
N ILE A 274 -9.97 -41.26 3.62
CA ILE A 274 -10.88 -42.40 3.62
C ILE A 274 -11.43 -42.59 2.21
N GLU A 275 -12.02 -43.76 1.98
CA GLU A 275 -12.48 -44.09 0.62
C GLU A 275 -13.52 -43.08 0.14
N HIS A 276 -13.47 -42.77 -1.15
CA HIS A 276 -14.51 -42.00 -1.83
C HIS A 276 -14.89 -42.77 -3.08
N ARG A 277 -16.13 -43.24 -3.14
CA ARG A 277 -16.61 -43.98 -4.30
C ARG A 277 -16.90 -43.01 -5.43
N ALA A 278 -16.08 -43.05 -6.46
CA ALA A 278 -16.21 -42.19 -7.63
C ALA A 278 -15.26 -42.71 -8.69
N PRO A 279 -15.51 -42.42 -9.96
CA PRO A 279 -14.60 -42.88 -11.02
C PRO A 279 -13.22 -42.28 -10.83
N SER A 280 -12.21 -43.01 -11.28
CA SER A 280 -10.82 -42.57 -11.21
C SER A 280 -10.44 -41.76 -12.44
N LEU A 281 -9.57 -40.77 -12.23
CA LEU A 281 -8.95 -40.09 -13.36
C LEU A 281 -8.29 -41.09 -14.30
N ASP A 282 -8.44 -40.87 -15.60
CA ASP A 282 -7.93 -41.75 -16.63
C ASP A 282 -7.14 -40.92 -17.63
N LEU A 283 -5.82 -40.85 -17.45
CA LEU A 283 -5.02 -39.98 -18.28
C LEU A 283 -4.94 -40.50 -19.72
N VAL A 284 -5.07 -41.81 -19.96
CA VAL A 284 -5.09 -42.25 -21.35
C VAL A 284 -6.34 -41.75 -22.06
N GLN A 285 -7.46 -41.68 -21.35
CA GLN A 285 -8.62 -41.06 -21.97
C GLN A 285 -8.40 -39.56 -22.13
N VAL A 286 -7.78 -38.91 -21.14
CA VAL A 286 -7.50 -37.47 -21.29
C VAL A 286 -6.55 -37.24 -22.46
N ALA A 287 -5.52 -38.07 -22.59
CA ALA A 287 -4.63 -38.17 -23.75
C ALA A 287 -3.61 -37.03 -23.85
N GLN A 288 -4.01 -35.79 -23.59
CA GLN A 288 -3.10 -34.65 -23.70
C GLN A 288 -3.42 -33.63 -22.63
N LEU A 289 -2.38 -32.93 -22.17
CA LEU A 289 -2.49 -31.84 -21.22
C LEU A 289 -1.75 -30.64 -21.77
N HIS A 290 -2.42 -29.48 -21.79
CA HIS A 290 -1.85 -28.27 -22.37
C HIS A 290 -1.53 -27.25 -21.30
N PHE A 291 -0.48 -26.47 -21.56
CA PHE A 291 -0.01 -25.40 -20.69
C PHE A 291 0.45 -24.25 -21.55
N GLN A 292 0.12 -23.03 -21.12
CA GLN A 292 0.67 -21.84 -21.76
C GLN A 292 0.76 -20.71 -20.73
N GLU A 293 1.49 -19.68 -21.12
CA GLU A 293 1.86 -18.63 -20.21
C GLU A 293 0.66 -17.76 -19.88
N MET A 294 0.45 -17.52 -18.59
CA MET A 294 -0.54 -16.53 -18.20
C MET A 294 -0.21 -15.19 -18.86
N ASP A 295 -1.22 -14.58 -19.44
CA ASP A 295 -1.14 -13.30 -20.15
C ASP A 295 -1.85 -12.25 -19.29
N LEU A 296 -1.08 -11.48 -18.54
CA LEU A 296 -1.63 -10.48 -17.63
C LEU A 296 -2.09 -9.23 -18.35
N ASP A 297 -1.67 -8.97 -19.59
CA ASP A 297 -2.29 -7.88 -20.33
C ASP A 297 -3.74 -8.22 -20.66
N ARG A 298 -4.02 -9.49 -20.92
CA ARG A 298 -5.38 -9.93 -21.18
C ARG A 298 -6.19 -10.07 -19.91
N TYR A 299 -5.64 -10.77 -18.91
CA TYR A 299 -6.39 -11.03 -17.66
C TYR A 299 -5.98 -10.00 -16.62
N ARG A 300 -6.38 -8.76 -16.87
CA ARG A 300 -5.92 -7.67 -16.01
C ARG A 300 -6.41 -7.82 -14.57
N CYS A 301 -7.56 -8.47 -14.36
CA CYS A 301 -8.05 -8.67 -13.00
C CYS A 301 -7.05 -9.46 -12.14
N LEU A 302 -6.37 -10.44 -12.73
CA LEU A 302 -5.34 -11.17 -11.99
C LEU A 302 -4.17 -10.26 -11.67
N LYS A 303 -3.83 -9.37 -12.59
CA LYS A 303 -2.81 -8.37 -12.31
C LYS A 303 -3.20 -7.51 -11.11
N PHE A 304 -4.49 -7.14 -11.00
CA PHE A 304 -4.94 -6.33 -9.88
C PHE A 304 -4.85 -7.07 -8.56
N ALA A 305 -5.05 -8.38 -8.57
CA ALA A 305 -4.94 -9.13 -7.33
C ALA A 305 -3.50 -9.16 -6.84
N TYR A 306 -2.54 -9.26 -7.76
CA TYR A 306 -1.15 -9.13 -7.33
C TYR A 306 -0.85 -7.72 -6.82
N ASP A 307 -1.46 -6.69 -7.44
CA ASP A 307 -1.28 -5.31 -6.94
C ASP A 307 -1.77 -5.17 -5.50
N ALA A 308 -2.94 -5.75 -5.22
CA ALA A 308 -3.51 -5.71 -3.88
C ALA A 308 -2.64 -6.45 -2.87
N LEU A 309 -1.97 -7.51 -3.30
CA LEU A 309 -0.99 -8.18 -2.43
C LEU A 309 0.24 -7.31 -2.20
N ARG A 310 0.77 -6.70 -3.26
CA ARG A 310 1.95 -5.86 -3.13
C ARG A 310 1.68 -4.68 -2.22
N ILE A 311 0.53 -4.02 -2.40
CA ILE A 311 0.19 -2.87 -1.57
C ILE A 311 -0.21 -3.32 -0.18
N GLY A 312 -0.99 -4.40 -0.06
CA GLY A 312 -1.35 -4.95 1.23
C GLY A 312 -2.39 -4.13 1.96
N GLY A 313 -2.49 -4.36 3.27
CA GLY A 313 -3.43 -3.59 4.08
C GLY A 313 -4.88 -3.80 3.64
N SER A 314 -5.60 -2.70 3.43
CA SER A 314 -7.00 -2.75 3.06
C SER A 314 -7.24 -2.90 1.55
N MET A 315 -6.19 -2.88 0.74
CA MET A 315 -6.40 -2.91 -0.71
C MET A 315 -7.13 -4.16 -1.21
N PRO A 316 -6.87 -5.38 -0.73
CA PRO A 316 -7.70 -6.52 -1.18
C PRO A 316 -9.15 -6.42 -0.75
N VAL A 317 -9.44 -5.74 0.37
CA VAL A 317 -10.84 -5.49 0.73
C VAL A 317 -11.52 -4.68 -0.37
N VAL A 318 -10.81 -3.70 -0.93
CA VAL A 318 -11.40 -2.85 -1.96
C VAL A 318 -11.59 -3.64 -3.24
N LEU A 319 -10.57 -4.42 -3.61
CA LEU A 319 -10.62 -5.24 -4.80
C LEU A 319 -11.86 -6.15 -4.78
N ASN A 320 -12.11 -6.81 -3.65
CA ASN A 320 -13.21 -7.77 -3.56
C ASN A 320 -14.55 -7.06 -3.62
N ALA A 321 -14.69 -5.95 -2.87
CA ALA A 321 -15.98 -5.28 -2.79
C ALA A 321 -16.36 -4.66 -4.12
N VAL A 322 -15.43 -3.97 -4.77
CA VAL A 322 -15.71 -3.32 -6.05
C VAL A 322 -15.97 -4.36 -7.14
N ASN A 323 -15.23 -5.48 -7.13
CA ASN A 323 -15.53 -6.59 -8.06
C ASN A 323 -16.97 -7.08 -7.89
N GLU A 324 -17.43 -7.28 -6.65
CA GLU A 324 -18.81 -7.68 -6.43
C GLU A 324 -19.78 -6.68 -7.04
N VAL A 325 -19.55 -5.38 -6.80
CA VAL A 325 -20.45 -4.35 -7.33
C VAL A 325 -20.43 -4.36 -8.86
N ALA A 326 -19.24 -4.49 -9.46
CA ALA A 326 -19.11 -4.39 -10.92
C ALA A 326 -19.71 -5.59 -11.63
N VAL A 327 -19.51 -6.79 -11.07
CA VAL A 327 -20.10 -7.98 -11.68
C VAL A 327 -21.63 -7.91 -11.61
N ALA A 328 -22.18 -7.32 -10.55
CA ALA A 328 -23.63 -7.20 -10.47
C ALA A 328 -24.15 -6.21 -11.48
N LYS A 329 -23.45 -5.08 -11.68
CA LYS A 329 -23.84 -4.19 -12.76
C LYS A 329 -23.78 -4.92 -14.10
N PHE A 330 -22.72 -5.70 -14.32
CA PHE A 330 -22.59 -6.43 -15.57
C PHE A 330 -23.74 -7.40 -15.77
N LEU A 331 -24.12 -8.12 -14.71
CA LEU A 331 -25.20 -9.10 -14.83
C LEU A 331 -26.53 -8.43 -15.14
N ASN A 332 -26.75 -7.22 -14.63
CA ASN A 332 -27.97 -6.49 -14.91
C ASN A 332 -27.82 -5.54 -16.10
N HIS A 333 -26.86 -5.79 -17.00
CA HIS A 333 -26.80 -5.12 -18.31
C HIS A 333 -26.59 -3.61 -18.23
N GLU A 334 -25.84 -3.12 -17.24
CA GLU A 334 -25.56 -1.69 -17.21
C GLU A 334 -24.20 -1.33 -17.78
N ILE A 335 -23.25 -2.27 -17.77
CA ILE A 335 -21.89 -1.99 -18.22
C ILE A 335 -21.38 -3.11 -19.11
N THR A 336 -20.45 -2.75 -19.98
CA THR A 336 -19.81 -3.74 -20.83
C THR A 336 -18.90 -4.63 -19.99
N PHE A 337 -18.43 -5.70 -20.62
CA PHE A 337 -17.61 -6.67 -19.91
C PHE A 337 -16.27 -6.06 -19.49
N LEU A 338 -15.63 -5.31 -20.38
CA LEU A 338 -14.35 -4.69 -20.03
C LEU A 338 -14.48 -3.55 -19.03
N GLU A 339 -15.70 -3.05 -18.81
CA GLU A 339 -15.88 -2.01 -17.81
C GLU A 339 -15.71 -2.56 -16.40
N ILE A 340 -15.85 -3.87 -16.23
CA ILE A 340 -15.60 -4.48 -14.93
C ILE A 340 -14.20 -4.12 -14.44
N GLU A 341 -13.19 -4.30 -15.30
CA GLU A 341 -11.83 -4.08 -14.84
C GLU A 341 -11.50 -2.59 -14.68
N HIS A 342 -12.08 -1.72 -15.52
CA HIS A 342 -11.81 -0.29 -15.35
C HIS A 342 -12.40 0.23 -14.06
N MET A 343 -13.63 -0.20 -13.74
CA MET A 343 -14.26 0.11 -12.47
C MET A 343 -13.37 -0.29 -11.30
N ILE A 344 -12.87 -1.52 -11.33
CA ILE A 344 -11.98 -1.99 -10.27
C ILE A 344 -10.71 -1.15 -10.22
N GLU A 345 -10.12 -0.85 -11.37
CA GLU A 345 -8.84 -0.19 -11.40
C GLU A 345 -8.97 1.26 -10.92
N ARG A 346 -10.01 1.95 -11.38
CA ARG A 346 -10.29 3.30 -10.92
C ARG A 346 -10.45 3.35 -9.40
N GLU A 347 -11.22 2.41 -8.83
CA GLU A 347 -11.42 2.44 -7.39
C GLU A 347 -10.14 2.10 -6.64
N MET A 348 -9.36 1.17 -7.16
CA MET A 348 -8.09 0.86 -6.50
C MET A 348 -7.14 2.06 -6.51
N SER A 349 -7.10 2.81 -7.62
CA SER A 349 -6.19 3.95 -7.72
C SER A 349 -6.52 5.02 -6.70
N ALA A 350 -7.80 5.23 -6.42
CA ALA A 350 -8.19 6.34 -5.55
C ALA A 350 -8.21 5.96 -4.07
N HIS A 351 -7.97 4.70 -3.74
CA HIS A 351 -8.16 4.24 -2.38
C HIS A 351 -7.00 4.68 -1.49
N GLU A 352 -7.31 5.27 -0.33
CA GLU A 352 -6.28 5.59 0.65
C GLU A 352 -6.11 4.39 1.57
N VAL A 353 -4.92 3.78 1.54
CA VAL A 353 -4.73 2.48 2.17
C VAL A 353 -4.74 2.62 3.68
N ILE A 354 -5.36 1.66 4.37
CA ILE A 354 -5.39 1.62 5.82
C ILE A 354 -4.45 0.51 6.30
N PRO A 355 -3.43 0.83 7.17
CA PRO A 355 -2.56 -0.17 7.81
C PRO A 355 -2.46 -1.52 7.10
N ASP A 356 -2.72 -2.76 7.57
CA ASP A 356 -3.17 -3.37 8.86
C ASP A 356 -4.51 -2.94 9.49
N PRO A 357 -5.60 -3.01 8.75
CA PRO A 357 -6.90 -2.64 9.33
C PRO A 357 -7.44 -3.71 10.26
N SER A 358 -8.23 -3.28 11.25
CA SER A 358 -8.83 -4.21 12.19
C SER A 358 -10.08 -4.83 11.57
N LEU A 359 -10.71 -5.74 12.33
CA LEU A 359 -11.90 -6.43 11.82
C LEU A 359 -13.02 -5.44 11.52
N GLU A 360 -13.18 -4.42 12.35
CA GLU A 360 -14.30 -3.51 12.15
C GLU A 360 -14.00 -2.52 11.02
N GLU A 361 -12.74 -2.14 10.82
CA GLU A 361 -12.42 -1.31 9.66
C GLU A 361 -12.60 -2.10 8.37
N ILE A 362 -12.25 -3.39 8.38
CA ILE A 362 -12.46 -4.21 7.20
C ILE A 362 -13.92 -4.23 6.84
N LEU A 363 -14.79 -4.36 7.84
CA LEU A 363 -16.23 -4.35 7.59
C LEU A 363 -16.68 -3.00 7.07
N GLU A 364 -16.16 -1.93 7.67
CA GLU A 364 -16.46 -0.56 7.25
C GLU A 364 -16.11 -0.33 5.80
N ILE A 365 -14.87 -0.67 5.43
CA ILE A 365 -14.40 -0.44 4.06
C ILE A 365 -15.24 -1.26 3.09
N ASP A 366 -15.49 -2.52 3.43
CA ASP A 366 -16.34 -3.40 2.64
C ASP A 366 -17.71 -2.79 2.40
N HIS A 367 -18.36 -2.30 3.46
CA HIS A 367 -19.68 -1.69 3.30
C HIS A 367 -19.63 -0.41 2.49
N TYR A 368 -18.54 0.37 2.63
CA TYR A 368 -18.48 1.64 1.93
C TYR A 368 -18.45 1.41 0.41
N TYR A 369 -17.54 0.55 -0.07
CA TYR A 369 -17.44 0.32 -1.51
C TYR A 369 -18.68 -0.39 -2.05
N LYS A 370 -19.33 -1.24 -1.26
CA LYS A 370 -20.55 -1.86 -1.73
C LYS A 370 -21.66 -0.84 -1.96
N THR A 371 -21.73 0.20 -1.13
CA THR A 371 -22.92 1.05 -1.13
C THR A 371 -22.68 2.45 -1.68
N LYS A 372 -21.46 2.79 -2.06
CA LYS A 372 -21.18 4.14 -2.57
C LYS A 372 -21.69 4.29 -4.00
N SER A 373 -21.79 5.54 -4.46
CA SER A 373 -22.26 5.84 -5.80
C SER A 373 -21.14 5.63 -6.82
N TYR A 374 -21.51 5.20 -8.02
CA TYR A 374 -20.53 4.85 -9.04
C TYR A 374 -20.80 5.54 -10.38
N MET B 1 19.90 36.08 20.15
CA MET B 1 21.13 35.40 19.75
C MET B 1 20.93 33.89 19.63
N LYS B 2 21.05 33.35 18.42
CA LYS B 2 20.71 31.96 18.13
C LYS B 2 21.92 31.16 17.67
N ASN B 3 22.13 29.99 18.27
CA ASN B 3 23.22 29.10 17.93
C ASN B 3 22.81 28.20 16.75
N ILE B 4 23.51 28.35 15.63
CA ILE B 4 23.19 27.65 14.39
C ILE B 4 24.21 26.54 14.18
N ALA B 5 23.70 25.33 13.89
CA ALA B 5 24.49 24.21 13.41
C ALA B 5 24.21 24.00 11.92
N ILE B 6 25.26 23.80 11.13
CA ILE B 6 25.11 23.56 9.70
C ILE B 6 25.71 22.19 9.36
N LEU B 7 24.87 21.26 8.93
CA LEU B 7 25.35 19.99 8.43
C LEU B 7 25.43 20.05 6.90
N GLY B 8 26.64 19.89 6.37
CA GLY B 8 26.85 20.07 4.94
C GLY B 8 27.10 21.52 4.59
N ALA B 9 28.13 22.14 5.20
CA ALA B 9 28.39 23.56 5.03
C ALA B 9 29.14 23.89 3.74
N SER B 10 29.64 22.88 3.01
CA SER B 10 30.50 23.11 1.85
C SER B 10 29.73 23.44 0.59
N GLY B 11 28.50 22.97 0.46
CA GLY B 11 27.72 23.21 -0.75
C GLY B 11 27.25 24.66 -0.85
N SER B 12 26.49 24.90 -1.93
CA SER B 12 25.89 26.23 -2.16
C SER B 12 24.97 26.61 -1.01
N ILE B 13 24.12 25.68 -0.57
CA ILE B 13 23.19 26.02 0.51
C ILE B 13 23.95 26.34 1.78
N GLY B 14 24.94 25.50 2.13
CA GLY B 14 25.79 25.80 3.27
C GLY B 14 26.41 27.18 3.17
N GLN B 15 26.95 27.50 1.99
CA GLN B 15 27.56 28.82 1.79
C GLN B 15 26.52 29.92 2.00
N GLN B 16 25.29 29.70 1.52
CA GLN B 16 24.26 30.71 1.69
C GLN B 16 23.92 30.91 3.15
N ALA B 17 23.84 29.83 3.92
CA ALA B 17 23.53 29.96 5.34
C ALA B 17 24.61 30.74 6.07
N ILE B 18 25.87 30.52 5.69
CA ILE B 18 26.97 31.22 6.33
C ILE B 18 26.90 32.72 6.01
N ASP B 19 26.52 33.06 4.77
CA ASP B 19 26.27 34.46 4.42
C ASP B 19 25.23 35.08 5.34
N VAL B 20 24.13 34.36 5.58
CA VAL B 20 23.09 34.87 6.47
C VAL B 20 23.67 35.16 7.85
N ILE B 21 24.46 34.21 8.37
CA ILE B 21 25.04 34.38 9.69
C ILE B 21 25.99 35.56 9.69
N ALA B 22 26.88 35.62 8.69
CA ALA B 22 27.84 36.72 8.62
C ALA B 22 27.12 38.06 8.56
N ARG B 23 25.96 38.12 7.93
CA ARG B 23 25.29 39.41 7.78
C ARG B 23 24.50 39.82 9.01
N HIS B 24 24.20 38.88 9.90
CA HIS B 24 23.44 39.17 11.12
C HIS B 24 24.20 38.62 12.31
N PRO B 25 25.38 39.20 12.61
CA PRO B 25 26.14 38.74 13.79
C PRO B 25 25.40 38.94 15.10
N GLU B 26 24.54 39.95 15.18
CA GLU B 26 23.74 40.14 16.40
C GLU B 26 22.65 39.08 16.54
N SER B 27 22.21 38.48 15.43
CA SER B 27 21.11 37.52 15.48
C SER B 27 21.60 36.07 15.60
N PHE B 28 22.68 35.72 14.93
CA PHE B 28 23.06 34.31 14.79
C PHE B 28 24.52 34.07 15.12
N ASN B 29 24.82 32.79 15.33
CA ASN B 29 26.12 32.34 15.76
C ASN B 29 26.37 30.97 15.14
N LEU B 30 27.41 30.87 14.31
CA LEU B 30 27.76 29.58 13.74
C LEU B 30 28.48 28.78 14.81
N ILE B 31 27.76 27.88 15.47
CA ILE B 31 28.31 27.24 16.65
C ILE B 31 28.95 25.89 16.35
N SER B 32 28.51 25.21 15.28
CA SER B 32 29.00 23.88 14.96
C SER B 32 28.69 23.62 13.49
N PHE B 33 29.57 22.90 12.81
CA PHE B 33 29.24 22.57 11.43
C PHE B 33 29.91 21.26 11.01
N THR B 34 29.62 20.90 9.77
CA THR B 34 29.95 19.60 9.20
C THR B 34 30.41 19.80 7.77
N VAL B 35 31.47 19.08 7.39
CA VAL B 35 31.99 19.09 6.04
C VAL B 35 32.31 17.65 5.67
N GLY B 36 32.28 17.34 4.39
CA GLY B 36 32.62 16.01 3.95
C GLY B 36 33.68 16.02 2.87
N LYS B 37 34.94 16.32 3.23
CA LYS B 37 36.17 16.20 2.43
C LYS B 37 36.78 17.53 1.96
N ASN B 38 36.03 18.64 1.94
CA ASN B 38 36.69 19.92 1.63
C ASN B 38 37.19 20.58 2.91
N ILE B 39 38.38 20.15 3.31
CA ILE B 39 39.05 20.59 4.51
C ILE B 39 39.50 22.04 4.39
N GLU B 40 39.84 22.47 3.17
CA GLU B 40 40.20 23.86 2.90
C GLU B 40 39.10 24.82 3.33
N PHE B 41 37.89 24.59 2.82
CA PHE B 41 36.75 25.42 3.17
C PHE B 41 36.49 25.39 4.67
N ALA B 42 36.68 24.22 5.31
CA ALA B 42 36.38 24.10 6.73
C ALA B 42 37.33 24.93 7.58
N ILE B 43 38.58 25.06 7.14
CA ILE B 43 39.55 25.90 7.83
C ILE B 43 39.14 27.36 7.74
N GLU B 44 38.72 27.81 6.55
CA GLU B 44 38.30 29.21 6.37
C GLU B 44 37.15 29.56 7.30
N VAL B 45 36.15 28.68 7.36
CA VAL B 45 35.01 28.90 8.22
C VAL B 45 35.44 28.95 9.69
N ILE B 46 36.35 28.05 10.08
CA ILE B 46 36.92 28.10 11.42
C ILE B 46 37.66 29.42 11.64
N GLU B 47 38.38 29.89 10.62
CA GLU B 47 39.12 31.15 10.71
C GLU B 47 38.20 32.32 11.03
N LYS B 48 37.04 32.37 10.35
CA LYS B 48 36.17 33.54 10.36
C LYS B 48 35.18 33.55 11.52
N PHE B 49 34.70 32.38 12.00
CA PHE B 49 33.41 32.35 12.69
C PHE B 49 33.40 31.76 14.11
N LYS B 50 34.50 31.23 14.63
CA LYS B 50 34.55 30.70 16.01
C LYS B 50 33.60 29.50 16.17
N PRO B 51 33.67 28.47 15.32
CA PRO B 51 32.87 27.26 15.57
C PRO B 51 33.45 26.45 16.72
N GLU B 52 32.56 25.93 17.57
CA GLU B 52 33.02 25.23 18.77
C GLU B 52 33.35 23.77 18.48
N ILE B 53 32.64 23.14 17.56
CA ILE B 53 32.92 21.75 17.21
C ILE B 53 32.69 21.57 15.71
N VAL B 54 33.54 20.75 15.07
CA VAL B 54 33.48 20.49 13.63
C VAL B 54 33.55 18.99 13.39
N SER B 55 32.86 18.55 12.35
CA SER B 55 32.92 17.16 11.88
C SER B 55 33.41 17.14 10.44
N VAL B 56 34.21 16.14 10.12
CA VAL B 56 34.65 15.88 8.76
C VAL B 56 34.27 14.45 8.42
N GLN B 57 34.20 14.17 7.11
CA GLN B 57 33.74 12.85 6.68
C GLN B 57 34.75 11.76 7.01
N ASP B 58 36.04 12.01 6.74
CA ASP B 58 37.09 11.00 6.93
C ASP B 58 37.78 11.18 8.28
N GLU B 59 37.83 10.10 9.05
CA GLU B 59 38.63 10.01 10.27
C GLU B 59 40.08 10.35 9.99
N ALA B 60 40.43 10.46 8.71
CA ALA B 60 41.80 10.57 8.26
C ALA B 60 42.25 12.02 8.13
N ASP B 61 41.33 12.93 7.77
CA ASP B 61 41.61 14.37 7.73
C ASP B 61 41.51 15.06 9.09
N VAL B 62 41.29 14.31 10.17
CA VAL B 62 41.17 14.94 11.48
C VAL B 62 42.46 15.64 11.87
N GLU B 63 43.63 15.07 11.50
CA GLU B 63 44.89 15.63 11.96
C GLU B 63 45.12 17.03 11.38
N ARG B 64 44.82 17.23 10.09
CA ARG B 64 45.08 18.53 9.46
C ARG B 64 44.34 19.68 10.14
N LEU B 65 43.35 19.38 10.97
CA LEU B 65 42.50 20.42 11.53
C LEU B 65 42.85 20.78 12.96
N LYS B 66 43.50 19.88 13.72
CA LYS B 66 43.82 20.18 15.10
C LYS B 66 44.89 21.25 15.32
N PRO B 67 45.69 21.66 14.32
CA PRO B 67 46.39 22.95 14.47
C PRO B 67 45.44 24.13 14.48
N TYR B 68 44.45 24.12 13.59
CA TYR B 68 43.34 25.06 13.60
C TYR B 68 42.27 24.68 14.62
N HIS B 69 42.55 23.72 15.50
CA HIS B 69 41.55 22.97 16.23
C HIS B 69 40.42 23.82 16.81
N SER B 70 39.21 23.53 16.36
CA SER B 70 38.07 23.42 17.25
C SER B 70 37.97 21.94 17.61
N ASN B 71 37.20 21.60 18.65
CA ASN B 71 37.00 20.18 18.92
C ASN B 71 36.50 19.50 17.65
N ILE B 72 37.13 18.39 17.27
CA ILE B 72 36.84 17.75 16.00
C ILE B 72 36.48 16.29 16.21
N VAL B 73 35.40 15.89 15.55
CA VAL B 73 34.89 14.55 15.43
C VAL B 73 34.84 14.22 13.94
N SER B 74 34.35 13.04 13.59
CA SER B 74 34.30 12.66 12.18
C SER B 74 33.33 11.51 11.97
N GLY B 75 33.10 11.17 10.70
CA GLY B 75 32.33 10.00 10.34
C GLY B 75 30.86 10.15 10.68
N ARG B 76 30.17 9.00 10.62
CA ARG B 76 28.74 8.97 10.92
C ARG B 76 28.46 9.51 12.32
N GLN B 77 29.27 9.12 13.31
CA GLN B 77 29.06 9.61 14.67
C GLN B 77 29.30 11.11 14.76
N GLY B 78 30.29 11.63 14.03
CA GLY B 78 30.56 13.06 14.05
C GLY B 78 29.33 13.90 13.74
N LEU B 79 28.56 13.48 12.74
CA LEU B 79 27.33 14.17 12.40
C LEU B 79 26.39 14.25 13.60
N ILE B 80 26.23 13.13 14.30
CA ILE B 80 25.34 13.06 15.46
C ILE B 80 25.83 13.98 16.58
N ASP B 81 27.16 14.04 16.77
CA ASP B 81 27.72 14.91 17.80
C ASP B 81 27.49 16.39 17.47
N VAL B 82 27.65 16.76 16.21
CA VAL B 82 27.33 18.13 15.79
C VAL B 82 25.84 18.38 15.87
N SER B 83 25.04 17.44 15.36
CA SER B 83 23.60 17.66 15.29
C SER B 83 22.98 17.78 16.68
N THR B 84 23.47 16.99 17.64
CA THR B 84 22.93 16.98 18.99
C THR B 84 23.78 17.77 19.98
N TYR B 85 24.71 18.58 19.49
CA TYR B 85 25.50 19.44 20.37
C TYR B 85 24.59 20.22 21.30
N GLU B 86 24.93 20.20 22.60
CA GLU B 86 24.02 20.72 23.61
C GLU B 86 23.75 22.21 23.40
N LYS B 87 24.76 22.96 22.96
CA LYS B 87 24.57 24.39 22.80
C LYS B 87 23.78 24.74 21.54
N ASN B 88 23.51 23.78 20.66
CA ASN B 88 22.73 24.04 19.46
C ASN B 88 21.38 24.67 19.80
N ASP B 89 20.97 25.66 19.00
CA ASP B 89 19.60 26.12 19.02
C ASP B 89 18.80 25.58 17.86
N LEU B 90 19.37 25.59 16.66
CA LEU B 90 18.67 25.19 15.46
C LEU B 90 19.68 24.59 14.49
N VAL B 91 19.35 23.43 13.90
CA VAL B 91 20.28 22.76 13.02
C VAL B 91 19.74 22.80 11.60
N LEU B 92 20.59 23.26 10.69
CA LEU B 92 20.30 23.27 9.27
C LEU B 92 20.84 21.98 8.66
N ASN B 93 19.93 21.08 8.29
CA ASN B 93 20.29 19.84 7.61
C ASN B 93 20.37 20.15 6.13
N ALA B 94 21.59 20.33 5.62
CA ALA B 94 21.84 20.46 4.19
C ALA B 94 22.59 19.26 3.65
N LEU B 95 22.46 18.09 4.29
CA LEU B 95 23.07 16.89 3.73
C LEU B 95 22.26 16.42 2.54
N LEU B 96 22.95 16.04 1.47
CA LEU B 96 22.29 15.56 0.26
C LEU B 96 22.16 14.05 0.34
N GLY B 97 20.92 13.57 0.42
CA GLY B 97 20.66 12.15 0.46
C GLY B 97 20.34 11.63 1.86
N SER B 98 20.43 10.31 1.96
CA SER B 98 20.01 9.59 3.15
C SER B 98 20.89 9.85 4.38
N VAL B 99 22.12 10.31 4.19
CA VAL B 99 23.05 10.49 5.31
C VAL B 99 22.55 11.53 6.31
N GLY B 100 21.59 12.37 5.92
CA GLY B 100 21.06 13.32 6.89
C GLY B 100 19.96 12.76 7.77
N LEU B 101 19.50 11.54 7.48
CA LEU B 101 18.30 11.03 8.14
C LEU B 101 18.53 10.79 9.64
N GLU B 102 19.58 10.03 10.00
CA GLU B 102 19.74 9.71 11.42
C GLU B 102 20.23 10.91 12.25
N PRO B 103 21.13 11.76 11.73
CA PRO B 103 21.48 12.99 12.47
C PRO B 103 20.28 13.86 12.86
N THR B 104 19.25 13.93 12.03
CA THR B 104 18.17 14.81 12.41
C THR B 104 17.29 14.20 13.50
N MET B 105 17.04 12.88 13.43
CA MET B 105 16.19 12.23 14.43
C MET B 105 16.77 12.42 15.83
N LYS B 106 18.08 12.24 15.99
CA LYS B 106 18.69 12.40 17.32
C LYS B 106 18.81 13.87 17.70
N ALA B 107 18.88 14.77 16.72
CA ALA B 107 18.77 16.18 17.05
C ALA B 107 17.40 16.48 17.65
N ILE B 108 16.35 15.91 17.05
CA ILE B 108 14.99 16.08 17.57
C ILE B 108 14.88 15.52 18.99
N GLU B 109 15.50 14.37 19.25
CA GLU B 109 15.47 13.77 20.59
C GLU B 109 16.31 14.55 21.59
N ALA B 110 17.20 15.42 21.12
CA ALA B 110 17.95 16.31 22.00
C ALA B 110 17.24 17.64 22.19
N GLY B 111 16.04 17.80 21.64
CA GLY B 111 15.25 19.00 21.83
C GLY B 111 15.57 20.13 20.88
N LYS B 112 16.05 19.83 19.68
CA LYS B 112 16.57 20.86 18.78
C LYS B 112 15.61 21.11 17.62
N ASN B 113 15.51 22.37 17.23
CA ASN B 113 14.78 22.77 16.04
C ASN B 113 15.58 22.43 14.79
N ILE B 114 14.84 22.05 13.73
CA ILE B 114 15.44 21.58 12.49
C ILE B 114 15.02 22.45 11.33
N ALA B 115 15.99 22.86 10.52
CA ALA B 115 15.72 23.40 9.20
C ALA B 115 16.24 22.40 8.18
N LEU B 116 15.36 21.95 7.29
CA LEU B 116 15.69 20.94 6.29
C LEU B 116 15.86 21.60 4.94
N ALA B 117 17.09 21.60 4.42
CA ALA B 117 17.32 22.16 3.10
C ALA B 117 17.29 21.11 2.01
N ASN B 118 16.73 19.94 2.28
CA ASN B 118 16.55 18.95 1.24
C ASN B 118 15.22 18.25 1.42
N LYS B 119 14.53 18.02 0.30
CA LYS B 119 13.21 17.42 0.36
C LYS B 119 13.23 15.95 0.74
N GLU B 120 14.39 15.30 0.73
CA GLU B 120 14.44 13.86 0.99
C GLU B 120 13.92 13.51 2.38
N THR B 121 14.33 14.28 3.39
CA THR B 121 14.10 13.90 4.78
C THR B 121 12.62 13.63 5.05
N LEU B 122 11.75 14.55 4.67
CA LEU B 122 10.32 14.36 4.91
C LEU B 122 9.63 13.57 3.81
N VAL B 123 10.21 13.46 2.62
CA VAL B 123 9.58 12.61 1.61
C VAL B 123 9.73 11.15 2.01
N VAL B 124 10.94 10.74 2.38
CA VAL B 124 11.18 9.34 2.68
C VAL B 124 10.71 8.99 4.09
N ALA B 125 10.57 9.95 4.99
CA ALA B 125 10.41 9.62 6.41
C ALA B 125 9.61 10.68 7.15
N GLY B 126 8.64 11.30 6.48
CA GLY B 126 7.87 12.35 7.14
C GLY B 126 7.13 11.85 8.38
N LYS B 127 6.53 10.66 8.27
CA LYS B 127 5.83 10.05 9.40
C LYS B 127 6.72 10.01 10.65
N LEU B 128 7.91 9.40 10.54
CA LEU B 128 8.82 9.29 11.68
C LEU B 128 9.24 10.64 12.22
N VAL B 129 9.75 11.51 11.35
CA VAL B 129 10.25 12.81 11.80
C VAL B 129 9.17 13.55 12.57
N MET B 130 7.96 13.66 11.99
CA MET B 130 6.94 14.47 12.63
C MET B 130 6.51 13.87 13.98
N THR B 131 6.37 12.54 14.05
CA THR B 131 6.02 11.93 15.33
C THR B 131 7.01 12.32 16.43
N HIS B 132 8.31 12.21 16.13
CA HIS B 132 9.34 12.63 17.08
C HIS B 132 9.19 14.10 17.47
N ALA B 133 9.16 14.98 16.47
CA ALA B 133 9.10 16.40 16.75
C ALA B 133 7.86 16.75 17.55
N LYS B 134 6.75 16.06 17.31
CA LYS B 134 5.55 16.28 18.11
C LYS B 134 5.81 15.88 19.55
N ARG B 135 6.38 14.69 19.76
CA ARG B 135 6.68 14.25 21.11
C ARG B 135 7.62 15.20 21.85
N TYR B 136 8.54 15.85 21.12
CA TYR B 136 9.60 16.63 21.75
C TYR B 136 9.41 18.14 21.65
N GLY B 137 8.28 18.60 21.14
CA GLY B 137 8.02 20.04 21.08
C GLY B 137 9.07 20.80 20.30
N VAL B 138 9.22 20.45 19.03
CA VAL B 138 10.34 20.89 18.21
C VAL B 138 9.79 21.42 16.89
N ASP B 139 10.37 22.52 16.41
CA ASP B 139 10.02 23.08 15.11
C ASP B 139 10.70 22.32 13.97
N ILE B 140 9.95 22.11 12.89
CA ILE B 140 10.48 21.51 11.67
C ILE B 140 10.15 22.46 10.52
N LEU B 141 11.17 23.04 9.91
CA LEU B 141 10.97 24.01 8.82
C LEU B 141 11.73 23.56 7.59
N PRO B 142 11.06 23.07 6.54
CA PRO B 142 11.75 22.86 5.26
C PRO B 142 12.07 24.20 4.61
N VAL B 143 13.34 24.39 4.23
CA VAL B 143 13.78 25.65 3.65
C VAL B 143 13.30 25.70 2.21
N ASP B 144 12.09 26.20 2.02
CA ASP B 144 11.45 26.08 0.73
C ASP B 144 10.38 27.18 0.63
N SER B 145 10.22 27.74 -0.58
CA SER B 145 9.30 28.86 -0.80
C SER B 145 7.87 28.50 -0.40
N GLU B 146 7.38 27.35 -0.86
CA GLU B 146 5.99 26.98 -0.62
C GLU B 146 5.73 26.74 0.86
N HIS B 147 6.67 26.09 1.55
CA HIS B 147 6.48 25.82 2.97
C HIS B 147 6.69 27.06 3.81
N ALA B 148 7.57 27.96 3.38
CA ALA B 148 7.67 29.23 4.08
C ALA B 148 6.36 30.02 3.92
N ALA B 149 5.74 29.93 2.74
CA ALA B 149 4.45 30.56 2.54
C ALA B 149 3.42 30.02 3.52
N ILE B 150 3.28 28.68 3.58
CA ILE B 150 2.27 28.08 4.43
C ILE B 150 2.52 28.41 5.90
N PHE B 151 3.76 28.31 6.36
CA PHE B 151 4.07 28.68 7.74
C PHE B 151 3.66 30.12 8.04
N GLN B 152 3.80 31.03 7.07
CA GLN B 152 3.44 32.41 7.37
C GLN B 152 1.93 32.59 7.41
N CYS B 153 1.19 31.84 6.59
CA CYS B 153 -0.27 31.89 6.65
C CYS B 153 -0.79 31.36 7.97
N LEU B 154 -0.03 30.50 8.62
CA LEU B 154 -0.46 29.88 9.87
C LEU B 154 -0.02 30.65 11.10
N ASN B 155 0.73 31.73 10.94
CA ASN B 155 1.11 32.63 12.04
C ASN B 155 -0.09 33.02 12.84
N GLY B 156 -0.07 32.69 14.14
CA GLY B 156 -1.20 33.02 14.99
C GLY B 156 -2.45 32.19 14.75
N GLU B 157 -2.34 31.06 14.02
CA GLU B 157 -3.50 30.24 13.68
C GLU B 157 -3.38 28.87 14.32
N ASP B 158 -4.48 28.14 14.26
CA ASP B 158 -4.59 26.78 14.77
C ASP B 158 -4.53 25.84 13.57
N MET B 159 -3.48 25.01 13.50
CA MET B 159 -3.36 23.97 12.49
C MET B 159 -4.59 23.09 12.36
N HIS B 160 -5.30 22.86 13.47
CA HIS B 160 -6.54 22.09 13.42
C HIS B 160 -7.66 22.79 12.65
N LYS B 161 -7.59 24.10 12.44
CA LYS B 161 -8.65 24.81 11.73
C LYS B 161 -8.37 24.91 10.25
N ILE B 162 -7.35 24.22 9.76
CA ILE B 162 -7.09 24.19 8.33
C ILE B 162 -8.19 23.41 7.63
N LYS B 163 -8.74 23.99 6.57
CA LYS B 163 -9.61 23.24 5.67
C LYS B 163 -8.81 22.59 4.54
N ASN B 164 -8.11 23.42 3.76
CA ASN B 164 -7.28 23.03 2.62
C ASN B 164 -5.98 23.83 2.64
N VAL B 165 -4.92 23.26 2.09
CA VAL B 165 -3.70 23.97 1.77
C VAL B 165 -3.49 23.80 0.27
N THR B 166 -3.23 24.90 -0.43
CA THR B 166 -3.03 24.88 -1.88
C THR B 166 -1.60 25.33 -2.19
N ILE B 167 -0.83 24.44 -2.82
CA ILE B 167 0.51 24.75 -3.33
C ILE B 167 0.39 25.21 -4.78
N THR B 168 1.01 26.33 -5.13
CA THR B 168 1.02 26.78 -6.52
C THR B 168 2.24 26.27 -7.30
N ALA B 169 2.09 26.18 -8.62
CA ALA B 169 3.20 25.75 -9.48
C ALA B 169 3.20 26.48 -10.82
N SER B 170 4.37 26.92 -11.29
CA SER B 170 4.43 27.59 -12.58
C SER B 170 4.09 26.65 -13.74
N GLY B 171 4.43 25.38 -13.61
CA GLY B 171 4.34 24.46 -14.72
C GLY B 171 5.70 24.06 -15.27
N GLY B 172 6.76 24.75 -14.89
CA GLY B 172 8.09 24.33 -15.26
C GLY B 172 8.51 24.86 -16.62
N SER B 173 9.78 24.57 -16.93
CA SER B 173 10.41 25.07 -18.16
C SER B 173 9.64 24.64 -19.40
N PHE B 174 8.89 23.54 -19.35
CA PHE B 174 8.18 23.03 -20.52
C PHE B 174 6.67 23.15 -20.37
N ARG B 175 6.22 24.15 -19.60
CA ARG B 175 4.79 24.30 -19.33
C ARG B 175 4.00 24.56 -20.61
N GLU B 176 4.59 25.23 -21.59
CA GLU B 176 3.95 25.59 -22.85
C GLU B 176 4.13 24.53 -23.93
N LEU B 177 4.80 23.42 -23.62
CA LEU B 177 5.00 22.33 -24.55
C LEU B 177 3.89 21.32 -24.40
N THR B 178 3.54 20.68 -25.51
CA THR B 178 2.58 19.58 -25.41
C THR B 178 3.30 18.28 -25.07
N ARG B 179 2.54 17.35 -24.52
CA ARG B 179 3.05 16.02 -24.22
C ARG B 179 3.70 15.37 -25.44
N GLU B 180 3.17 15.65 -26.64
CA GLU B 180 3.82 15.20 -27.87
C GLU B 180 5.17 15.91 -28.05
N GLN B 181 5.23 17.20 -27.74
CA GLN B 181 6.48 17.94 -27.90
C GLN B 181 7.57 17.43 -26.96
N LEU B 182 7.18 16.90 -25.80
CA LEU B 182 8.14 16.40 -24.83
C LEU B 182 8.94 15.21 -25.33
N GLU B 183 8.50 14.56 -26.42
CA GLU B 183 9.26 13.47 -27.01
C GLU B 183 10.63 13.90 -27.50
N HIS B 184 10.81 15.20 -27.78
CA HIS B 184 12.02 15.71 -28.42
C HIS B 184 12.78 16.67 -27.51
N VAL B 185 12.48 16.67 -26.21
CA VAL B 185 13.23 17.48 -25.28
C VAL B 185 14.63 16.90 -25.13
N THR B 186 15.61 17.77 -24.90
CA THR B 186 16.98 17.36 -24.66
C THR B 186 17.46 17.90 -23.31
N VAL B 187 18.59 17.36 -22.86
CA VAL B 187 19.21 17.83 -21.63
C VAL B 187 19.46 19.33 -21.71
N GLY B 188 20.03 19.80 -22.82
CA GLY B 188 20.28 21.23 -22.98
C GLY B 188 19.02 22.05 -22.84
N ASP B 189 17.97 21.68 -23.58
CA ASP B 189 16.64 22.25 -23.38
C ASP B 189 16.29 22.31 -21.90
N ALA B 190 16.45 21.17 -21.22
CA ALA B 190 15.98 21.04 -19.85
C ALA B 190 16.85 21.79 -18.86
N LEU B 191 18.09 22.11 -19.21
CA LEU B 191 18.98 22.85 -18.30
C LEU B 191 18.90 24.32 -18.68
N ASN B 192 17.87 24.99 -18.15
CA ASN B 192 17.58 26.41 -18.43
C ASN B 192 16.70 27.03 -17.33
N GLY B 199 21.89 20.76 -7.46
CA GLY B 199 22.40 21.24 -8.73
C GLY B 199 21.54 20.94 -9.94
N ASN B 200 22.01 19.99 -10.78
CA ASN B 200 21.37 19.72 -12.06
C ASN B 200 20.14 18.83 -11.90
N LYS B 201 20.18 17.88 -10.97
CA LYS B 201 19.01 17.04 -10.73
C LYS B 201 17.82 17.88 -10.28
N ILE B 202 18.05 18.81 -9.36
CA ILE B 202 16.98 19.68 -8.87
C ILE B 202 16.37 20.46 -10.02
N THR B 203 17.16 20.76 -11.06
CA THR B 203 16.64 21.51 -12.20
C THR B 203 15.62 20.68 -12.98
N ILE B 204 15.96 19.43 -13.29
CA ILE B 204 15.04 18.54 -13.99
C ILE B 204 13.75 18.37 -13.21
N ASP B 205 13.85 18.25 -11.88
CA ASP B 205 12.65 18.04 -11.05
C ASP B 205 11.65 19.17 -11.16
N SER B 206 12.11 20.37 -11.53
CA SER B 206 11.18 21.47 -11.72
C SER B 206 10.47 21.39 -13.08
N ALA B 207 11.21 21.02 -14.13
CA ALA B 207 10.58 20.82 -15.44
C ALA B 207 9.56 19.70 -15.39
N THR B 208 9.88 18.64 -14.67
CA THR B 208 9.05 17.45 -14.58
C THR B 208 7.92 17.58 -13.55
N MET B 209 7.99 18.57 -12.66
CA MET B 209 7.04 18.82 -11.56
C MET B 209 7.19 17.84 -10.40
N MET B 210 8.15 16.92 -10.44
CA MET B 210 8.47 16.11 -9.26
C MET B 210 8.72 16.97 -8.03
N ASN B 211 9.27 18.18 -8.21
CA ASN B 211 9.56 19.05 -7.06
C ASN B 211 8.28 19.43 -6.31
N LYS B 212 7.23 19.80 -7.05
CA LYS B 212 5.97 20.10 -6.37
C LYS B 212 5.37 18.83 -5.79
N GLY B 213 5.62 17.69 -6.43
CA GLY B 213 5.18 16.42 -5.87
C GLY B 213 5.79 16.13 -4.52
N PHE B 214 7.13 16.26 -4.41
CA PHE B 214 7.81 16.11 -3.13
C PHE B 214 7.26 17.09 -2.08
N GLU B 215 6.98 18.32 -2.50
CA GLU B 215 6.47 19.32 -1.56
C GLU B 215 5.08 18.96 -1.07
N VAL B 216 4.23 18.42 -1.95
CA VAL B 216 2.94 17.91 -1.50
C VAL B 216 3.14 16.85 -0.41
N ILE B 217 4.11 15.94 -0.60
CA ILE B 217 4.30 14.89 0.39
C ILE B 217 4.77 15.49 1.73
N GLU B 218 5.76 16.40 1.68
CA GLU B 218 6.21 17.02 2.93
C GLU B 218 5.07 17.72 3.66
N ALA B 219 4.24 18.46 2.93
CA ALA B 219 3.17 19.24 3.55
C ALA B 219 2.19 18.34 4.31
N LYS B 220 1.85 17.19 3.73
CA LYS B 220 0.93 16.26 4.37
C LYS B 220 1.39 15.95 5.78
N TRP B 221 2.66 15.58 5.93
CA TRP B 221 3.19 15.20 7.23
C TRP B 221 3.44 16.43 8.11
N LEU B 222 4.06 17.47 7.55
CA LEU B 222 4.32 18.70 8.28
C LEU B 222 3.08 19.24 8.98
N PHE B 223 2.00 19.42 8.23
CA PHE B 223 0.80 20.03 8.77
C PHE B 223 -0.28 19.01 9.10
N ASP B 224 0.10 17.73 9.15
CA ASP B 224 -0.78 16.65 9.59
C ASP B 224 -2.11 16.70 8.87
N LEU B 225 -2.04 16.71 7.53
CA LEU B 225 -3.21 16.88 6.69
C LEU B 225 -3.62 15.54 6.09
N LYS B 226 -4.92 15.41 5.83
CA LYS B 226 -5.41 14.34 4.98
C LYS B 226 -5.16 14.69 3.53
N ILE B 227 -5.11 13.66 2.69
CA ILE B 227 -4.61 13.83 1.32
C ILE B 227 -5.52 14.76 0.52
N ASP B 228 -6.83 14.73 0.78
CA ASP B 228 -7.72 15.61 0.04
C ASP B 228 -7.66 17.04 0.55
N GLN B 229 -6.95 17.30 1.64
CA GLN B 229 -6.72 18.66 2.11
C GLN B 229 -5.48 19.34 1.51
N ILE B 230 -4.67 18.63 0.72
CA ILE B 230 -3.46 19.18 0.10
C ILE B 230 -3.69 19.26 -1.39
N LYS B 231 -3.76 20.47 -1.91
CA LYS B 231 -4.17 20.75 -3.27
C LYS B 231 -3.04 21.44 -4.03
N THR B 232 -3.12 21.44 -5.36
CA THR B 232 -2.23 22.28 -6.16
C THR B 232 -3.02 23.04 -7.21
N ILE B 233 -2.42 24.12 -7.73
CA ILE B 233 -2.98 24.88 -8.84
C ILE B 233 -1.82 25.30 -9.73
N LEU B 234 -2.13 25.54 -11.00
CA LEU B 234 -1.15 26.10 -11.95
C LEU B 234 -1.23 27.62 -11.92
N HIS B 235 -0.12 28.26 -11.58
CA HIS B 235 -0.05 29.71 -11.44
C HIS B 235 1.21 30.20 -12.17
N LYS B 236 1.00 30.72 -13.37
CA LYS B 236 2.08 31.00 -14.31
C LYS B 236 3.11 32.00 -13.77
N GLU B 237 2.66 33.02 -13.02
CA GLU B 237 3.55 34.08 -12.59
C GLU B 237 4.32 33.77 -11.31
N SER B 238 4.00 32.67 -10.60
CA SER B 238 4.69 32.32 -9.35
C SER B 238 4.77 33.49 -8.37
N ILE B 239 3.67 34.24 -8.26
CA ILE B 239 3.63 35.35 -7.29
C ILE B 239 2.99 34.89 -6.00
N ILE B 240 1.78 34.31 -6.10
CA ILE B 240 1.19 33.61 -4.96
C ILE B 240 1.95 32.30 -4.78
N HIS B 241 2.57 32.11 -3.61
CA HIS B 241 3.36 30.90 -3.40
C HIS B 241 2.56 29.80 -2.71
N SER B 242 1.57 30.15 -1.92
CA SER B 242 0.71 29.14 -1.34
C SER B 242 -0.51 29.82 -0.76
N LEU B 243 -1.55 29.04 -0.55
CA LEU B 243 -2.77 29.50 0.08
C LEU B 243 -3.20 28.48 1.13
N VAL B 244 -3.83 28.98 2.18
CA VAL B 244 -4.43 28.14 3.21
C VAL B 244 -5.88 28.56 3.36
N GLU B 245 -6.81 27.64 3.12
CA GLU B 245 -8.21 27.90 3.45
C GLU B 245 -8.53 27.37 4.83
N PHE B 246 -9.12 28.21 5.67
CA PHE B 246 -9.50 27.78 7.01
C PHE B 246 -10.95 27.30 7.01
N VAL B 247 -11.38 26.71 8.14
CA VAL B 247 -12.71 26.12 8.22
C VAL B 247 -13.84 27.15 8.16
N ASP B 248 -13.56 28.43 8.36
CA ASP B 248 -14.56 29.48 8.14
C ASP B 248 -14.62 29.94 6.69
N THR B 249 -13.88 29.28 5.80
CA THR B 249 -13.67 29.57 4.37
C THR B 249 -12.80 30.82 4.11
N SER B 250 -12.32 31.52 5.13
CA SER B 250 -11.33 32.59 4.88
C SER B 250 -10.08 32.01 4.24
N VAL B 251 -9.46 32.74 3.31
CA VAL B 251 -8.26 32.26 2.63
C VAL B 251 -7.10 33.25 2.85
N MET B 252 -6.01 32.75 3.44
CA MET B 252 -4.75 33.48 3.63
C MET B 252 -3.76 33.05 2.53
N ALA B 253 -2.99 34.00 2.02
CA ALA B 253 -1.98 33.68 1.00
C ALA B 253 -0.71 34.46 1.29
N GLN B 254 0.43 33.88 0.93
CA GLN B 254 1.69 34.61 0.96
C GLN B 254 2.14 34.88 -0.47
N LEU B 255 2.54 36.13 -0.76
CA LEU B 255 2.91 36.56 -2.10
C LEU B 255 4.33 37.08 -2.13
N GLY B 256 4.93 37.03 -3.31
CA GLY B 256 6.17 37.76 -3.52
C GLY B 256 6.75 37.47 -4.88
N THR B 257 7.82 38.19 -5.17
CA THR B 257 8.60 37.84 -6.33
C THR B 257 9.26 36.49 -6.07
N PRO B 258 9.37 35.64 -7.09
CA PRO B 258 10.10 34.37 -6.91
C PRO B 258 11.54 34.65 -6.49
N ASP B 259 12.04 33.88 -5.52
CA ASP B 259 13.34 34.19 -4.90
C ASP B 259 13.77 33.04 -4.00
N MET B 260 15.10 32.97 -3.69
CA MET B 260 15.71 31.92 -2.86
C MET B 260 16.62 32.42 -1.73
N ARG B 261 17.04 33.69 -1.73
CA ARG B 261 17.84 34.16 -0.59
C ARG B 261 17.02 34.23 0.70
N MET B 262 15.71 34.49 0.55
CA MET B 262 14.74 34.70 1.62
C MET B 262 14.44 33.46 2.47
N PRO B 263 14.26 32.25 1.88
CA PRO B 263 13.90 31.09 2.71
C PRO B 263 14.93 30.70 3.76
N ILE B 264 16.24 30.65 3.47
CA ILE B 264 17.17 30.34 4.56
C ILE B 264 17.00 31.33 5.69
N GLN B 265 17.00 32.63 5.35
CA GLN B 265 16.88 33.65 6.37
C GLN B 265 15.56 33.51 7.12
N TYR B 266 14.49 33.21 6.39
CA TYR B 266 13.20 32.97 7.03
C TYR B 266 13.28 31.81 8.03
N ALA B 267 13.91 30.70 7.63
CA ALA B 267 14.06 29.54 8.51
C ALA B 267 14.83 29.89 9.77
N PHE B 268 15.84 30.75 9.65
CA PHE B 268 16.69 31.10 10.79
C PHE B 268 15.97 32.02 11.79
N THR B 269 15.02 32.85 11.34
CA THR B 269 14.37 33.84 12.21
C THR B 269 12.97 33.43 12.66
N TYR B 270 12.35 32.49 11.94
CA TYR B 270 11.05 31.91 12.28
C TYR B 270 10.94 31.71 13.79
N PRO B 271 9.84 32.16 14.41
CA PRO B 271 8.72 32.82 13.71
C PRO B 271 8.85 34.35 13.64
N GLU B 272 10.04 34.87 13.87
CA GLU B 272 10.25 36.31 13.76
C GLU B 272 10.57 36.70 12.33
N ARG B 273 10.27 37.94 11.99
CA ARG B 273 10.70 38.56 10.74
C ARG B 273 11.73 39.64 11.06
N ILE B 274 12.77 39.73 10.24
CA ILE B 274 13.70 40.85 10.31
C ILE B 274 13.83 41.47 8.93
N GLU B 275 14.40 42.66 8.89
CA GLU B 275 14.53 43.39 7.64
C GLU B 275 15.31 42.59 6.60
N HIS B 276 14.91 42.73 5.34
CA HIS B 276 15.64 42.15 4.22
C HIS B 276 15.58 43.15 3.10
N ARG B 277 16.73 43.56 2.57
CA ARG B 277 16.78 44.55 1.49
C ARG B 277 16.70 43.85 0.14
N ALA B 278 15.56 43.96 -0.50
CA ALA B 278 15.29 43.45 -1.84
C ALA B 278 14.16 44.29 -2.42
N PRO B 279 14.01 44.32 -3.75
CA PRO B 279 12.89 45.07 -4.33
C PRO B 279 11.55 44.49 -3.92
N SER B 280 10.63 45.38 -3.55
CA SER B 280 9.29 44.96 -3.12
C SER B 280 8.47 44.45 -4.30
N LEU B 281 7.60 43.50 -4.01
CA LEU B 281 6.60 43.08 -4.99
C LEU B 281 5.78 44.29 -5.45
N ASP B 282 5.61 44.44 -6.76
CA ASP B 282 4.84 45.52 -7.36
C ASP B 282 3.71 44.92 -8.20
N LEU B 283 2.53 44.77 -7.61
CA LEU B 283 1.40 44.16 -8.31
C LEU B 283 0.86 45.01 -9.47
N VAL B 284 1.09 46.32 -9.48
CA VAL B 284 0.70 47.16 -10.61
C VAL B 284 1.50 46.80 -11.85
N GLN B 285 2.80 46.56 -11.67
CA GLN B 285 3.62 46.16 -12.81
C GLN B 285 3.29 44.75 -13.29
N VAL B 286 3.06 43.81 -12.37
CA VAL B 286 2.71 42.44 -12.77
C VAL B 286 1.38 42.44 -13.51
N ALA B 287 0.42 43.23 -13.02
CA ALA B 287 -0.85 43.54 -13.69
C ALA B 287 -1.83 42.39 -13.66
N GLN B 288 -1.38 41.16 -13.90
CA GLN B 288 -2.31 40.02 -13.95
C GLN B 288 -1.75 38.79 -13.26
N LEU B 289 -2.63 38.08 -12.54
CA LEU B 289 -2.31 36.78 -11.95
C LEU B 289 -3.23 35.72 -12.54
N HIS B 290 -2.65 34.66 -13.09
CA HIS B 290 -3.41 33.61 -13.76
C HIS B 290 -3.43 32.33 -12.92
N PHE B 291 -4.54 31.59 -13.03
CA PHE B 291 -4.72 30.32 -12.33
C PHE B 291 -5.42 29.33 -13.24
N GLN B 292 -4.92 28.11 -13.26
CA GLN B 292 -5.53 27.04 -14.03
C GLN B 292 -5.49 25.76 -13.22
N GLU B 293 -6.46 24.90 -13.52
CA GLU B 293 -6.50 23.58 -12.94
C GLU B 293 -5.23 22.82 -13.25
N MET B 294 -4.77 22.08 -12.26
CA MET B 294 -3.57 21.29 -12.40
C MET B 294 -3.92 20.10 -13.31
N ASP B 295 -3.06 19.83 -14.28
CA ASP B 295 -3.33 18.80 -15.31
C ASP B 295 -2.45 17.59 -15.01
N LEU B 296 -3.02 16.62 -14.28
CA LEU B 296 -2.28 15.43 -13.86
C LEU B 296 -1.93 14.49 -15.02
N ASP B 297 -2.58 14.61 -16.17
CA ASP B 297 -2.15 13.80 -17.31
C ASP B 297 -0.91 14.35 -17.99
N ARG B 298 -0.73 15.67 -17.94
CA ARG B 298 0.48 16.33 -18.40
C ARG B 298 1.63 16.14 -17.40
N TYR B 299 1.36 16.37 -16.11
CA TYR B 299 2.36 16.28 -15.04
C TYR B 299 2.16 15.01 -14.22
N ARG B 300 2.58 13.86 -14.81
CA ARG B 300 2.35 12.57 -14.18
C ARG B 300 3.21 12.38 -12.94
N CYS B 301 4.37 13.04 -12.86
CA CYS B 301 5.18 12.93 -11.66
C CYS B 301 4.42 13.42 -10.43
N LEU B 302 3.62 14.48 -10.58
CA LEU B 302 2.80 14.95 -9.48
C LEU B 302 1.78 13.89 -9.08
N LYS B 303 1.18 13.23 -10.07
CA LYS B 303 0.21 12.17 -9.78
C LYS B 303 0.86 11.03 -9.02
N PHE B 304 2.12 10.69 -9.36
CA PHE B 304 2.85 9.64 -8.65
C PHE B 304 3.05 10.01 -7.18
N ALA B 305 3.35 11.27 -6.92
CA ALA B 305 3.48 11.73 -5.54
C ALA B 305 2.21 11.45 -4.76
N TYR B 306 1.05 11.76 -5.36
CA TYR B 306 -0.21 11.48 -4.68
C TYR B 306 -0.43 9.97 -4.51
N ASP B 307 -0.09 9.15 -5.51
CA ASP B 307 -0.21 7.68 -5.34
C ASP B 307 0.62 7.20 -4.15
N ALA B 308 1.84 7.71 -4.05
CA ALA B 308 2.71 7.37 -2.94
C ALA B 308 2.09 7.77 -1.60
N LEU B 309 1.39 8.89 -1.54
CA LEU B 309 0.72 9.28 -0.31
C LEU B 309 -0.42 8.33 0.04
N ARG B 310 -1.32 8.09 -0.92
CA ARG B 310 -2.43 7.14 -0.72
C ARG B 310 -1.93 5.78 -0.26
N ILE B 311 -0.86 5.29 -0.88
CA ILE B 311 -0.38 3.97 -0.51
C ILE B 311 0.36 4.03 0.82
N GLY B 312 1.22 5.01 1.00
CA GLY B 312 1.91 5.19 2.26
C GLY B 312 3.07 4.23 2.42
N GLY B 313 3.55 4.13 3.65
CA GLY B 313 4.59 3.15 3.94
C GLY B 313 5.87 3.52 3.23
N SER B 314 6.53 2.51 2.67
CA SER B 314 7.80 2.70 1.97
C SER B 314 7.63 3.24 0.55
N MET B 315 6.42 3.36 0.05
CA MET B 315 6.23 3.81 -1.34
C MET B 315 6.89 5.15 -1.65
N PRO B 316 6.76 6.21 -0.85
CA PRO B 316 7.47 7.45 -1.16
C PRO B 316 9.00 7.31 -1.17
N VAL B 317 9.55 6.38 -0.38
CA VAL B 317 10.98 6.10 -0.46
C VAL B 317 11.36 5.67 -1.86
N VAL B 318 10.56 4.75 -2.43
CA VAL B 318 10.79 4.23 -3.77
C VAL B 318 10.65 5.35 -4.79
N LEU B 319 9.58 6.15 -4.67
CA LEU B 319 9.40 7.32 -5.52
C LEU B 319 10.68 8.16 -5.57
N ASN B 320 11.22 8.49 -4.41
CA ASN B 320 12.35 9.40 -4.36
C ASN B 320 13.60 8.75 -4.95
N ALA B 321 13.89 7.52 -4.55
CA ALA B 321 15.09 6.83 -5.02
C ALA B 321 15.09 6.66 -6.53
N VAL B 322 13.98 6.18 -7.09
CA VAL B 322 13.96 5.89 -8.51
C VAL B 322 14.00 7.18 -9.32
N ASN B 323 13.38 8.25 -8.81
CA ASN B 323 13.45 9.53 -9.48
C ASN B 323 14.88 10.02 -9.58
N GLU B 324 15.66 9.82 -8.52
CA GLU B 324 17.06 10.23 -8.57
C GLU B 324 17.83 9.42 -9.60
N VAL B 325 17.66 8.09 -9.58
CA VAL B 325 18.31 7.24 -10.59
C VAL B 325 17.89 7.69 -11.98
N ALA B 326 16.58 7.92 -12.18
CA ALA B 326 16.06 8.23 -13.50
C ALA B 326 16.56 9.57 -14.01
N VAL B 327 16.52 10.60 -13.17
CA VAL B 327 17.03 11.91 -13.59
C VAL B 327 18.49 11.80 -14.00
N ALA B 328 19.29 11.01 -13.26
CA ALA B 328 20.71 10.92 -13.57
C ALA B 328 20.95 10.21 -14.89
N LYS B 329 20.14 9.20 -15.20
CA LYS B 329 20.30 8.51 -16.48
C LYS B 329 19.83 9.39 -17.63
N PHE B 330 18.83 10.25 -17.38
CA PHE B 330 18.48 11.26 -18.37
C PHE B 330 19.62 12.23 -18.60
N LEU B 331 20.30 12.64 -17.52
CA LEU B 331 21.40 13.60 -17.63
C LEU B 331 22.60 13.01 -18.37
N ASN B 332 22.78 11.69 -18.28
CA ASN B 332 23.85 11.01 -18.99
C ASN B 332 23.39 10.49 -20.35
N HIS B 333 22.21 10.90 -20.82
CA HIS B 333 21.71 10.60 -22.17
C HIS B 333 21.53 9.10 -22.41
N GLU B 334 21.10 8.35 -21.40
CA GLU B 334 20.72 6.94 -21.57
C GLU B 334 19.24 6.74 -21.83
N ILE B 335 18.40 7.70 -21.44
CA ILE B 335 16.95 7.57 -21.55
C ILE B 335 16.39 8.93 -21.92
N THR B 336 15.24 8.91 -22.58
CA THR B 336 14.59 10.15 -22.98
C THR B 336 14.03 10.87 -21.74
N PHE B 337 13.73 12.16 -21.93
CA PHE B 337 13.07 12.94 -20.89
C PHE B 337 11.77 12.26 -20.46
N LEU B 338 11.02 11.72 -21.42
CA LEU B 338 9.77 11.05 -21.08
C LEU B 338 10.00 9.73 -20.37
N GLU B 339 11.13 9.07 -20.62
CA GLU B 339 11.39 7.80 -19.94
C GLU B 339 11.55 7.97 -18.43
N ILE B 340 11.89 9.18 -17.97
CA ILE B 340 11.95 9.44 -16.53
C ILE B 340 10.66 8.98 -15.85
N GLU B 341 9.53 9.51 -16.31
CA GLU B 341 8.22 9.15 -15.77
C GLU B 341 7.92 7.66 -15.93
N HIS B 342 8.34 7.03 -17.02
CA HIS B 342 8.05 5.61 -17.20
C HIS B 342 8.87 4.73 -16.24
N MET B 343 10.14 5.05 -16.04
CA MET B 343 10.97 4.32 -15.07
C MET B 343 10.36 4.38 -13.67
N ILE B 344 9.93 5.55 -13.25
CA ILE B 344 9.32 5.71 -11.93
C ILE B 344 8.07 4.84 -11.81
N GLU B 345 7.19 4.93 -12.81
CA GLU B 345 5.94 4.17 -12.79
C GLU B 345 6.18 2.68 -12.59
N ARG B 346 7.08 2.09 -13.38
CA ARG B 346 7.29 0.64 -13.32
C ARG B 346 7.85 0.21 -11.97
N GLU B 347 8.89 0.91 -11.47
CA GLU B 347 9.44 0.55 -10.16
C GLU B 347 8.38 0.70 -9.08
N MET B 348 7.54 1.72 -9.19
CA MET B 348 6.43 1.88 -8.28
C MET B 348 5.46 0.69 -8.38
N SER B 349 5.04 0.35 -9.61
CA SER B 349 4.08 -0.73 -9.81
C SER B 349 4.58 -2.06 -9.25
N ALA B 350 5.89 -2.28 -9.26
CA ALA B 350 6.44 -3.55 -8.82
C ALA B 350 6.80 -3.56 -7.34
N HIS B 351 6.76 -2.42 -6.66
CA HIS B 351 7.21 -2.39 -5.28
C HIS B 351 6.26 -3.11 -4.33
N GLU B 352 6.83 -3.91 -3.46
CA GLU B 352 6.09 -4.58 -2.39
C GLU B 352 6.24 -3.72 -1.13
N VAL B 353 5.14 -3.11 -0.67
CA VAL B 353 5.28 -2.00 0.29
C VAL B 353 5.45 -2.54 1.71
N ILE B 354 6.25 -1.84 2.50
CA ILE B 354 6.45 -2.13 3.92
C ILE B 354 5.64 -1.12 4.73
N PRO B 355 4.69 -1.55 5.57
CA PRO B 355 3.73 -0.63 6.18
C PRO B 355 4.31 0.50 7.03
N ASP B 356 4.99 0.21 8.14
CA ASP B 356 5.55 1.26 8.99
C ASP B 356 7.06 1.06 9.13
N PRO B 357 7.81 1.34 8.08
CA PRO B 357 9.25 1.02 8.09
C PRO B 357 9.99 1.74 9.21
N SER B 358 10.93 1.02 9.81
CA SER B 358 11.91 1.64 10.67
C SER B 358 12.80 2.56 9.85
N LEU B 359 13.61 3.34 10.57
CA LEU B 359 14.65 4.13 9.92
C LEU B 359 15.60 3.22 9.13
N GLU B 360 15.95 2.07 9.70
CA GLU B 360 16.90 1.19 9.03
C GLU B 360 16.32 0.64 7.73
N GLU B 361 15.03 0.27 7.75
CA GLU B 361 14.39 -0.24 6.54
C GLU B 361 14.28 0.85 5.46
N ILE B 362 14.09 2.12 5.86
CA ILE B 362 14.06 3.18 4.86
C ILE B 362 15.41 3.25 4.14
N LEU B 363 16.50 3.19 4.92
CA LEU B 363 17.84 3.27 4.34
C LEU B 363 18.12 2.10 3.39
N GLU B 364 17.68 0.89 3.74
CA GLU B 364 17.88 -0.27 2.87
C GLU B 364 17.07 -0.13 1.58
N ILE B 365 15.81 0.29 1.68
CA ILE B 365 14.98 0.43 0.48
C ILE B 365 15.60 1.46 -0.45
N ASP B 366 15.97 2.63 0.10
CA ASP B 366 16.59 3.68 -0.68
C ASP B 366 17.92 3.21 -1.27
N HIS B 367 18.74 2.51 -0.50
CA HIS B 367 19.99 2.02 -1.06
C HIS B 367 19.74 1.00 -2.15
N TYR B 368 18.71 0.15 -1.98
CA TYR B 368 18.42 -0.86 -2.99
C TYR B 368 18.08 -0.20 -4.33
N TYR B 369 17.11 0.72 -4.32
CA TYR B 369 16.70 1.30 -5.58
C TYR B 369 17.78 2.21 -6.16
N LYS B 370 18.61 2.83 -5.31
CA LYS B 370 19.73 3.62 -5.83
C LYS B 370 20.77 2.75 -6.52
N THR B 371 21.01 1.55 -6.00
CA THR B 371 22.15 0.75 -6.45
C THR B 371 21.79 -0.41 -7.37
N LYS B 372 20.54 -0.86 -7.39
CA LYS B 372 20.16 -1.94 -8.29
C LYS B 372 20.35 -1.51 -9.73
N SER B 373 20.38 -2.49 -10.64
CA SER B 373 20.42 -2.19 -12.06
C SER B 373 19.01 -2.15 -12.64
N TYR B 374 18.89 -1.53 -13.81
CA TYR B 374 17.60 -1.24 -14.40
C TYR B 374 17.44 -1.76 -15.84
#